data_4QEZ
#
_entry.id   4QEZ
#
_cell.length_a   181.269
_cell.length_b   74.635
_cell.length_c   46.688
_cell.angle_alpha   90.00
_cell.angle_beta   95.26
_cell.angle_gamma   90.00
#
_symmetry.space_group_name_H-M   'C 1 2 1'
#
loop_
_entity.id
_entity.type
_entity.pdbx_description
1 polymer "5'-methylthioadenosine/S-adenosylhomocysteine nucleosidase"
2 non-polymer ADENINE
3 non-polymer 2-AMINO-2-HYDROXYMETHYL-PROPANE-1,3-DIOL
#
_entity_poly.entity_id   1
_entity_poly.type   'polypeptide(L)'
_entity_poly.pdbx_seq_one_letter_code
;MRIAVIGAMEEEVRILRDKLEQAETETVAGCEFTKGQLAGHEVILLKSGIGKVNAAMSTTILLERYKPEKVINTGSAGGF
HHSLNVGDVVISTEVRHHDVDVTAFNYEYGQVPGMPPGFKADEALVALAEKCMQAEENIQVVKGMIATGDSFMSDPNRVA
AIRDKFENLYAVEMEAAAVAQVCHQYEVPFVIIRALSDIAGKESNVSFDQFLDQAALHSTNFIVKVLEELKLEHHHHHH
;
_entity_poly.pdbx_strand_id   B,A,C
#
loop_
_chem_comp.id
_chem_comp.type
_chem_comp.name
_chem_comp.formula
ADE non-polymer ADENINE 'C5 H5 N5'
TRS non-polymer 2-AMINO-2-HYDROXYMETHYL-PROPANE-1,3-DIOL 'C4 H12 N O3 1'
#
# COMPACT_ATOMS: atom_id res chain seq x y z
N ARG A 2 -13.96 -8.44 23.46
CA ARG A 2 -14.07 -9.88 23.89
C ARG A 2 -13.76 -10.88 22.75
N ILE A 3 -14.50 -10.81 21.64
CA ILE A 3 -14.18 -11.63 20.45
C ILE A 3 -13.76 -10.80 19.24
N ALA A 4 -12.69 -11.22 18.58
CA ALA A 4 -12.19 -10.51 17.42
C ALA A 4 -12.44 -11.31 16.15
N VAL A 5 -12.85 -10.62 15.10
CA VAL A 5 -12.95 -11.24 13.78
C VAL A 5 -12.16 -10.39 12.80
N ILE A 6 -11.30 -11.02 12.03
CA ILE A 6 -10.39 -10.31 11.16
C ILE A 6 -10.59 -10.68 9.71
N GLY A 7 -10.50 -9.70 8.84
CA GLY A 7 -10.64 -9.95 7.43
C GLY A 7 -9.85 -8.97 6.64
N ALA A 8 -9.38 -9.37 5.49
CA ALA A 8 -8.43 -8.60 4.75
C ALA A 8 -9.00 -7.51 3.87
N MET A 9 -10.09 -7.80 3.18
CA MET A 9 -10.59 -6.87 2.20
C MET A 9 -11.86 -6.31 2.68
N GLU A 10 -12.41 -5.36 1.96
CA GLU A 10 -13.60 -4.71 2.43
C GLU A 10 -14.80 -5.59 2.25
N GLU A 11 -14.77 -6.35 1.19
CA GLU A 11 -15.86 -7.23 0.89
C GLU A 11 -16.00 -8.31 1.92
N GLU A 12 -14.89 -8.67 2.54
CA GLU A 12 -14.87 -9.71 3.57
C GLU A 12 -15.30 -9.23 4.97
N VAL A 13 -15.32 -7.91 5.20
CA VAL A 13 -15.75 -7.36 6.49
C VAL A 13 -17.05 -6.55 6.45
N ARG A 14 -17.34 -5.92 5.31
CA ARG A 14 -18.51 -5.04 5.19
C ARG A 14 -19.80 -5.73 5.64
N ILE A 15 -19.92 -7.03 5.37
CA ILE A 15 -21.12 -7.79 5.71
C ILE A 15 -21.27 -7.82 7.23
N LEU A 16 -20.23 -8.26 7.93
CA LEU A 16 -20.19 -8.20 9.38
C LEU A 16 -20.42 -6.80 9.93
N ARG A 17 -19.73 -5.83 9.35
CA ARG A 17 -19.77 -4.46 9.89
C ARG A 17 -21.17 -3.86 9.94
N ASP A 18 -22.01 -4.21 8.97
CA ASP A 18 -23.39 -3.75 8.95
C ASP A 18 -24.26 -4.41 10.02
N LYS A 19 -23.93 -5.63 10.41
CA LYS A 19 -24.64 -6.34 11.50
C LYS A 19 -24.26 -5.83 12.89
N LEU A 20 -23.10 -5.19 13.01
CA LEU A 20 -22.67 -4.65 14.30
C LEU A 20 -23.59 -3.52 14.73
N GLU A 21 -23.85 -3.45 16.02
CA GLU A 21 -24.62 -2.36 16.61
C GLU A 21 -23.75 -1.62 17.62
N GLN A 22 -24.07 -0.36 17.86
CA GLN A 22 -23.24 0.49 18.70
C GLN A 22 -21.83 0.58 18.05
N ALA A 23 -21.79 0.68 16.73
CA ALA A 23 -20.52 0.61 15.99
C ALA A 23 -19.71 1.89 16.20
N GLU A 24 -18.44 1.70 16.56
CA GLU A 24 -17.52 2.80 16.83
C GLU A 24 -16.19 2.45 16.17
N THR A 25 -15.93 3.03 14.99
CA THR A 25 -14.73 2.72 14.21
C THR A 25 -13.57 3.67 14.47
N GLU A 26 -12.36 3.11 14.48
CA GLU A 26 -11.15 3.86 14.74
C GLU A 26 -9.99 3.28 13.94
N THR A 27 -9.14 4.14 13.37
CA THR A 27 -8.04 3.70 12.50
C THR A 27 -6.69 3.83 13.20
N VAL A 28 -5.89 2.76 13.11
CA VAL A 28 -4.55 2.72 13.68
C VAL A 28 -3.60 2.19 12.63
N ALA A 29 -2.59 2.97 12.28
CA ALA A 29 -1.61 2.59 11.25
C ALA A 29 -2.27 2.23 9.91
N GLY A 30 -3.32 2.96 9.56
CA GLY A 30 -4.08 2.70 8.35
C GLY A 30 -4.97 1.45 8.39
N CYS A 31 -5.14 0.86 9.57
CA CYS A 31 -5.98 -0.32 9.75
C CYS A 31 -7.28 0.05 10.46
N GLU A 32 -8.40 -0.36 9.87
CA GLU A 32 -9.73 -0.09 10.41
C GLU A 32 -10.05 -1.05 11.56
N PHE A 33 -10.49 -0.50 12.69
CA PHE A 33 -10.99 -1.31 13.81
C PHE A 33 -12.39 -0.87 14.15
N THR A 34 -13.39 -1.66 13.73
CA THR A 34 -14.77 -1.35 14.11
C THR A 34 -15.17 -2.20 15.31
N LYS A 35 -15.77 -1.54 16.30
CA LYS A 35 -16.09 -2.17 17.57
C LYS A 35 -17.57 -1.99 17.86
N GLY A 36 -18.27 -3.10 18.09
CA GLY A 36 -19.71 -3.08 18.34
C GLY A 36 -20.25 -4.36 18.95
N GLN A 37 -21.57 -4.53 18.88
CA GLN A 37 -22.25 -5.69 19.48
C GLN A 37 -22.86 -6.58 18.42
N LEU A 38 -22.64 -7.88 18.54
CA LEU A 38 -23.28 -8.89 17.67
C LEU A 38 -23.44 -10.21 18.42
N ALA A 39 -24.62 -10.83 18.29
CA ALA A 39 -24.94 -12.08 18.97
C ALA A 39 -24.59 -12.00 20.47
N GLY A 40 -24.90 -10.86 21.08
CA GLY A 40 -24.54 -10.59 22.48
C GLY A 40 -23.06 -10.75 22.80
N HIS A 41 -22.20 -10.46 21.84
CA HIS A 41 -20.76 -10.45 22.07
C HIS A 41 -20.24 -9.05 21.81
N GLU A 42 -19.17 -8.67 22.49
CA GLU A 42 -18.43 -7.47 22.11
C GLU A 42 -17.45 -7.90 21.04
N VAL A 43 -17.68 -7.41 19.83
CA VAL A 43 -16.95 -7.90 18.67
C VAL A 43 -16.06 -6.80 18.13
N ILE A 44 -14.75 -7.07 18.06
CA ILE A 44 -13.79 -6.17 17.44
C ILE A 44 -13.53 -6.65 16.00
N LEU A 45 -14.03 -5.87 15.06
CA LEU A 45 -13.91 -6.19 13.65
C LEU A 45 -12.72 -5.45 13.07
N LEU A 46 -11.82 -6.19 12.42
CA LEU A 46 -10.59 -5.60 11.91
C LEU A 46 -10.38 -5.92 10.44
N LYS A 47 -10.24 -4.88 9.63
CA LYS A 47 -9.78 -5.04 8.25
C LYS A 47 -8.25 -4.97 8.24
N SER A 48 -7.63 -6.12 8.02
CA SER A 48 -6.19 -6.28 8.21
C SER A 48 -5.39 -5.86 7.01
N GLY A 49 -6.03 -5.81 5.85
CA GLY A 49 -5.30 -5.72 4.59
C GLY A 49 -4.75 -7.08 4.21
N ILE A 50 -4.24 -7.16 2.99
CA ILE A 50 -3.79 -8.41 2.40
C ILE A 50 -2.32 -8.70 2.72
N GLY A 51 -2.00 -9.97 2.97
CA GLY A 51 -0.60 -10.41 3.13
C GLY A 51 -0.17 -10.65 4.56
N LYS A 52 0.97 -11.31 4.71
CA LYS A 52 1.46 -11.74 6.03
C LYS A 52 1.80 -10.58 6.95
N VAL A 53 2.55 -9.61 6.44
CA VAL A 53 2.98 -8.47 7.23
C VAL A 53 1.78 -7.63 7.68
N ASN A 54 0.85 -7.35 6.75
CA ASN A 54 -0.37 -6.63 7.08
C ASN A 54 -1.15 -7.34 8.16
N ALA A 55 -1.38 -8.63 7.98
CA ALA A 55 -2.10 -9.41 8.98
C ALA A 55 -1.36 -9.46 10.33
N ALA A 56 -0.05 -9.66 10.29
CA ALA A 56 0.74 -9.76 11.51
C ALA A 56 0.71 -8.44 12.30
N MET A 57 0.94 -7.34 11.59
CA MET A 57 0.92 -6.00 12.18
C MET A 57 -0.45 -5.72 12.79
N SER A 58 -1.48 -5.87 11.96
CA SER A 58 -2.85 -5.58 12.35
C SER A 58 -3.32 -6.46 13.52
N THR A 59 -2.98 -7.75 13.48
CA THR A 59 -3.30 -8.66 14.58
C THR A 59 -2.60 -8.24 15.86
N THR A 60 -1.36 -7.78 15.75
CA THR A 60 -0.59 -7.34 16.90
C THR A 60 -1.22 -6.11 17.54
N ILE A 61 -1.63 -5.16 16.70
CA ILE A 61 -2.28 -3.94 17.20
C ILE A 61 -3.56 -4.31 17.95
N LEU A 62 -4.34 -5.22 17.35
CA LEU A 62 -5.55 -5.73 17.98
C LEU A 62 -5.26 -6.27 19.38
N LEU A 63 -4.33 -7.19 19.47
CA LEU A 63 -4.00 -7.85 20.73
C LEU A 63 -3.39 -6.90 21.77
N GLU A 64 -2.67 -5.88 21.31
CA GLU A 64 -2.09 -4.89 22.22
C GLU A 64 -3.17 -3.96 22.77
N ARG A 65 -3.94 -3.37 21.86
CA ARG A 65 -4.93 -2.35 22.23
C ARG A 65 -6.27 -2.90 22.73
N TYR A 66 -6.77 -3.97 22.14
CA TYR A 66 -8.12 -4.44 22.43
C TYR A 66 -8.21 -5.67 23.32
N LYS A 67 -7.16 -6.49 23.34
CA LYS A 67 -7.10 -7.64 24.24
C LYS A 67 -8.33 -8.57 24.12
N PRO A 68 -8.64 -9.03 22.90
CA PRO A 68 -9.74 -9.97 22.74
C PRO A 68 -9.38 -11.35 23.26
N GLU A 69 -10.38 -12.07 23.78
CA GLU A 69 -10.18 -13.38 24.37
C GLU A 69 -9.98 -14.44 23.31
N LYS A 70 -10.65 -14.28 22.17
CA LYS A 70 -10.56 -15.21 21.05
C LYS A 70 -10.53 -14.44 19.73
N VAL A 71 -10.02 -15.10 18.71
CA VAL A 71 -9.82 -14.47 17.40
C VAL A 71 -10.29 -15.40 16.30
N ILE A 72 -11.09 -14.86 15.39
CA ILE A 72 -11.52 -15.61 14.22
C ILE A 72 -11.05 -14.89 12.97
N ASN A 73 -10.51 -15.66 12.03
CA ASN A 73 -10.07 -15.11 10.77
C ASN A 73 -11.02 -15.56 9.66
N THR A 74 -11.52 -14.59 8.90
CA THR A 74 -12.52 -14.85 7.88
C THR A 74 -12.06 -14.38 6.49
N GLY A 75 -12.89 -14.59 5.49
CA GLY A 75 -12.58 -14.13 4.13
C GLY A 75 -12.56 -15.24 3.10
N SER A 76 -12.02 -14.92 1.93
CA SER A 76 -11.90 -15.87 0.83
C SER A 76 -10.64 -16.73 0.96
N ALA A 77 -10.58 -17.79 0.17
CA ALA A 77 -9.41 -18.66 0.10
C ALA A 77 -9.45 -19.49 -1.17
N GLY A 78 -8.29 -19.99 -1.58
CA GLY A 78 -8.18 -20.79 -2.80
C GLY A 78 -8.27 -22.27 -2.49
N GLY A 79 -9.20 -22.94 -3.15
CA GLY A 79 -9.39 -24.36 -2.92
C GLY A 79 -8.19 -25.18 -3.36
N PHE A 80 -7.79 -26.12 -2.50
CA PHE A 80 -6.65 -26.98 -2.77
C PHE A 80 -7.00 -28.47 -2.85
N HIS A 81 -7.90 -28.94 -1.97
CA HIS A 81 -8.34 -30.34 -1.96
C HIS A 81 -9.38 -30.57 -3.05
N HIS A 82 -9.27 -31.71 -3.74
CA HIS A 82 -10.02 -31.97 -4.97
C HIS A 82 -11.53 -32.20 -4.78
N SER A 83 -11.95 -32.43 -3.55
CA SER A 83 -13.38 -32.60 -3.24
C SER A 83 -14.13 -31.27 -3.16
N LEU A 84 -13.40 -30.17 -2.93
CA LEU A 84 -14.03 -28.89 -2.59
C LEU A 84 -14.36 -28.05 -3.81
N ASN A 85 -15.44 -27.28 -3.70
CA ASN A 85 -15.89 -26.39 -4.76
C ASN A 85 -15.93 -24.96 -4.28
N VAL A 86 -16.04 -24.06 -5.24
CA VAL A 86 -16.26 -22.65 -4.94
C VAL A 86 -17.55 -22.54 -4.14
N GLY A 87 -17.52 -21.73 -3.08
CA GLY A 87 -18.66 -21.57 -2.17
C GLY A 87 -18.48 -22.30 -0.85
N ASP A 88 -17.69 -23.37 -0.84
CA ASP A 88 -17.50 -24.19 0.35
C ASP A 88 -16.73 -23.47 1.45
N VAL A 89 -17.10 -23.76 2.69
CA VAL A 89 -16.49 -23.19 3.88
C VAL A 89 -15.50 -24.18 4.48
N VAL A 90 -14.36 -23.67 4.95
CA VAL A 90 -13.34 -24.48 5.58
C VAL A 90 -13.01 -23.95 6.97
N ILE A 91 -13.14 -24.79 7.99
CA ILE A 91 -12.64 -24.49 9.33
C ILE A 91 -11.22 -24.99 9.44
N SER A 92 -10.33 -24.16 9.98
CA SER A 92 -8.96 -24.56 10.21
C SER A 92 -8.89 -25.58 11.33
N THR A 93 -8.34 -26.75 11.04
CA THR A 93 -7.84 -27.64 12.08
C THR A 93 -6.49 -27.10 12.52
N GLU A 94 -5.65 -26.82 11.53
CA GLU A 94 -4.28 -26.39 11.76
C GLU A 94 -3.94 -25.37 10.67
N VAL A 95 -2.96 -24.52 10.95
CA VAL A 95 -2.48 -23.54 9.97
C VAL A 95 -0.97 -23.63 9.80
N ARG A 96 -0.52 -23.52 8.55
CA ARG A 96 0.90 -23.55 8.22
C ARG A 96 1.24 -22.49 7.18
N HIS A 97 2.53 -22.17 7.07
CA HIS A 97 3.05 -21.36 5.97
C HIS A 97 3.39 -22.33 4.85
N HIS A 98 2.94 -22.07 3.62
CA HIS A 98 3.36 -22.91 2.50
C HIS A 98 4.60 -22.39 1.76
N ASP A 99 4.97 -21.15 2.01
CA ASP A 99 6.08 -20.52 1.32
C ASP A 99 7.29 -20.29 2.23
N VAL A 100 7.29 -20.89 3.42
CA VAL A 100 8.45 -20.80 4.31
C VAL A 100 9.39 -21.99 4.06
N ASP A 101 10.66 -21.69 3.83
CA ASP A 101 11.66 -22.72 3.60
C ASP A 101 12.99 -22.38 4.27
N VAL A 102 13.19 -22.95 5.46
CA VAL A 102 14.46 -22.91 6.15
C VAL A 102 14.90 -24.34 6.38
N THR A 103 14.75 -25.17 5.35
CA THR A 103 15.11 -26.58 5.42
C THR A 103 16.62 -26.80 5.38
N ALA A 104 17.37 -25.76 5.00
CA ALA A 104 18.83 -25.79 5.07
C ALA A 104 19.33 -25.95 6.51
N PHE A 105 18.49 -25.61 7.48
CA PHE A 105 18.81 -25.81 8.89
C PHE A 105 17.82 -26.80 9.53
N ASN A 106 17.39 -27.78 8.73
CA ASN A 106 16.60 -28.90 9.18
C ASN A 106 15.30 -28.58 9.92
N TYR A 107 14.71 -27.43 9.63
CA TYR A 107 13.33 -27.20 10.00
C TYR A 107 12.55 -27.83 8.88
N GLU A 108 11.43 -28.47 9.19
CA GLU A 108 10.63 -29.08 8.14
C GLU A 108 9.96 -28.00 7.31
N TYR A 109 9.57 -28.34 6.10
CA TYR A 109 9.10 -27.35 5.14
C TYR A 109 7.91 -26.59 5.72
N GLY A 110 7.92 -25.28 5.55
CA GLY A 110 6.86 -24.42 6.06
C GLY A 110 7.06 -23.95 7.49
N GLN A 111 7.99 -24.56 8.21
CA GLN A 111 8.23 -24.22 9.60
C GLN A 111 9.13 -23.00 9.75
N VAL A 112 8.58 -21.96 10.39
CA VAL A 112 9.35 -20.78 10.78
C VAL A 112 10.21 -21.14 11.99
N PRO A 113 11.50 -20.75 11.97
CA PRO A 113 12.40 -21.12 13.08
C PRO A 113 11.93 -20.61 14.46
N GLY A 114 11.99 -21.48 15.46
CA GLY A 114 11.49 -21.16 16.79
C GLY A 114 9.99 -21.34 16.94
N MET A 115 9.32 -21.71 15.85
CA MET A 115 7.88 -21.99 15.86
C MET A 115 7.65 -23.47 15.66
N PRO A 116 6.50 -23.97 16.16
CA PRO A 116 6.14 -25.34 15.82
C PRO A 116 5.87 -25.43 14.32
N PRO A 117 5.97 -26.61 13.72
CA PRO A 117 5.74 -26.78 12.28
C PRO A 117 4.39 -26.25 11.78
N GLY A 118 3.39 -26.26 12.66
CA GLY A 118 2.08 -25.69 12.36
C GLY A 118 1.39 -25.19 13.62
N PHE A 119 0.32 -24.44 13.43
CA PHE A 119 -0.40 -23.81 14.53
C PHE A 119 -1.80 -24.41 14.64
N LYS A 120 -2.03 -25.17 15.71
CA LYS A 120 -3.31 -25.82 15.94
C LYS A 120 -4.35 -24.77 16.37
N ALA A 121 -5.52 -24.85 15.73
CA ALA A 121 -6.63 -23.97 16.09
C ALA A 121 -7.21 -24.42 17.41
N ASP A 122 -8.00 -23.54 18.04
CA ASP A 122 -8.58 -23.82 19.35
C ASP A 122 -9.58 -24.98 19.31
N GLU A 123 -9.37 -25.97 20.18
CA GLU A 123 -10.20 -27.17 20.21
C GLU A 123 -11.66 -26.85 20.49
N ALA A 124 -11.90 -25.92 21.41
CA ALA A 124 -13.27 -25.53 21.77
C ALA A 124 -13.98 -24.87 20.60
N LEU A 125 -13.29 -23.94 19.93
CA LEU A 125 -13.85 -23.27 18.76
C LEU A 125 -14.10 -24.23 17.62
N VAL A 126 -13.15 -25.12 17.36
CA VAL A 126 -13.33 -26.12 16.31
C VAL A 126 -14.53 -27.02 16.64
N ALA A 127 -14.60 -27.50 17.88
CA ALA A 127 -15.70 -28.36 18.32
C ALA A 127 -17.04 -27.66 18.13
N LEU A 128 -17.08 -26.39 18.51
CA LEU A 128 -18.27 -25.58 18.35
C LEU A 128 -18.63 -25.45 16.88
N ALA A 129 -17.66 -25.05 16.06
CA ALA A 129 -17.89 -24.89 14.62
C ALA A 129 -18.44 -26.19 14.02
N GLU A 130 -17.83 -27.31 14.41
CA GLU A 130 -18.26 -28.64 13.96
C GLU A 130 -19.75 -28.83 14.10
N LYS A 131 -20.28 -28.50 15.28
CA LYS A 131 -21.70 -28.66 15.51
C LYS A 131 -22.57 -27.88 14.53
N CYS A 132 -22.12 -26.70 14.15
CA CYS A 132 -22.90 -25.88 13.24
C CYS A 132 -22.69 -26.22 11.75
N MET A 133 -21.87 -27.22 11.44
CA MET A 133 -21.67 -27.67 10.06
C MET A 133 -22.98 -28.08 9.37
N GLN A 134 -24.02 -28.39 10.15
CA GLN A 134 -25.34 -28.70 9.59
C GLN A 134 -26.35 -27.66 10.04
N GLN A 140 -21.88 -26.47 1.81
CA GLN A 140 -21.00 -27.50 2.35
C GLN A 140 -19.86 -26.91 3.20
N VAL A 141 -19.76 -27.37 4.45
CA VAL A 141 -18.74 -26.94 5.40
C VAL A 141 -17.82 -28.12 5.73
N VAL A 142 -16.51 -27.89 5.75
CA VAL A 142 -15.52 -28.91 6.06
C VAL A 142 -14.46 -28.39 7.04
N LYS A 143 -13.66 -29.31 7.55
CA LYS A 143 -12.68 -29.04 8.59
C LYS A 143 -11.34 -29.59 8.10
N GLY A 144 -10.32 -28.75 8.04
CA GLY A 144 -9.03 -29.18 7.48
C GLY A 144 -7.94 -28.12 7.54
N MET A 145 -6.78 -28.48 7.02
CA MET A 145 -5.61 -27.62 7.12
C MET A 145 -5.62 -26.50 6.09
N ILE A 146 -5.24 -25.30 6.54
CA ILE A 146 -5.12 -24.13 5.70
C ILE A 146 -3.68 -23.64 5.76
N ALA A 147 -3.09 -23.34 4.61
CA ALA A 147 -1.71 -22.89 4.54
C ALA A 147 -1.62 -21.54 3.87
N THR A 148 -0.71 -20.70 4.35
CA THR A 148 -0.61 -19.32 3.89
C THR A 148 0.71 -19.02 3.22
N GLY A 149 0.67 -18.19 2.18
CA GLY A 149 1.88 -17.63 1.58
C GLY A 149 1.61 -16.21 1.13
N ASP A 150 2.68 -15.46 0.85
CA ASP A 150 2.55 -14.07 0.41
C ASP A 150 2.33 -13.96 -1.10
N SER A 151 1.58 -14.89 -1.66
CA SER A 151 1.29 -14.89 -3.08
C SER A 151 -0.13 -15.36 -3.34
N PHE A 152 -0.73 -14.83 -4.40
CA PHE A 152 -1.99 -15.34 -4.92
C PHE A 152 -1.67 -16.53 -5.83
N MET A 153 -2.11 -17.72 -5.42
CA MET A 153 -1.79 -18.95 -6.16
C MET A 153 -2.62 -19.15 -7.42
N SER A 154 -2.30 -18.39 -8.47
CA SER A 154 -2.95 -18.55 -9.77
C SER A 154 -2.10 -19.41 -10.72
N ASP A 155 -0.79 -19.48 -10.47
CA ASP A 155 0.13 -20.27 -11.28
C ASP A 155 0.03 -21.75 -10.93
N PRO A 156 -0.33 -22.60 -11.93
CA PRO A 156 -0.42 -24.05 -11.69
C PRO A 156 0.87 -24.67 -11.16
N ASN A 157 2.02 -24.16 -11.61
CA ASN A 157 3.31 -24.68 -11.19
C ASN A 157 3.55 -24.45 -9.71
N ARG A 158 3.23 -23.24 -9.26
CA ARG A 158 3.31 -22.87 -7.85
C ARG A 158 2.42 -23.79 -7.00
N VAL A 159 1.23 -24.10 -7.53
CA VAL A 159 0.29 -24.98 -6.84
C VAL A 159 0.84 -26.41 -6.75
N ALA A 160 1.33 -26.92 -7.87
CA ALA A 160 1.92 -28.28 -7.92
C ALA A 160 3.09 -28.43 -6.94
N ALA A 161 3.93 -27.40 -6.86
CA ALA A 161 5.07 -27.39 -5.95
C ALA A 161 4.65 -27.55 -4.48
N ILE A 162 3.48 -27.01 -4.14
CA ILE A 162 2.94 -27.06 -2.78
C ILE A 162 2.29 -28.41 -2.45
N ARG A 163 1.66 -29.02 -3.44
CA ARG A 163 0.93 -30.29 -3.26
C ARG A 163 1.75 -31.35 -2.55
N ASP A 164 3.01 -31.42 -2.94
CA ASP A 164 3.91 -32.47 -2.49
C ASP A 164 4.56 -32.17 -1.13
N LYS A 165 4.29 -31.00 -0.56
CA LYS A 165 4.91 -30.60 0.71
C LYS A 165 4.05 -30.92 1.93
N PHE A 166 2.73 -30.93 1.77
CA PHE A 166 1.82 -31.15 2.92
C PHE A 166 0.89 -32.35 2.74
N GLU A 167 0.32 -32.80 3.84
CA GLU A 167 -0.34 -34.11 3.90
C GLU A 167 -1.69 -34.18 3.17
N ASN A 168 -2.61 -33.30 3.53
CA ASN A 168 -3.78 -33.07 2.68
C ASN A 168 -4.32 -31.68 2.96
N LEU A 169 -3.66 -30.71 2.32
CA LEU A 169 -4.03 -29.31 2.38
C LEU A 169 -5.42 -29.10 1.78
N TYR A 170 -6.23 -28.27 2.44
CA TYR A 170 -7.60 -28.00 2.00
C TYR A 170 -7.70 -26.69 1.23
N ALA A 171 -7.18 -25.61 1.81
CA ALA A 171 -7.26 -24.29 1.19
C ALA A 171 -5.98 -23.50 1.37
N VAL A 172 -5.80 -22.49 0.52
CA VAL A 172 -4.63 -21.60 0.60
C VAL A 172 -5.05 -20.14 0.57
N GLU A 173 -4.36 -19.31 1.34
CA GLU A 173 -4.60 -17.88 1.28
C GLU A 173 -3.36 -17.09 1.73
N MET A 174 -3.55 -15.90 2.32
CA MET A 174 -2.42 -15.00 2.56
C MET A 174 -2.39 -14.33 3.93
N GLU A 175 -3.17 -14.80 4.90
CA GLU A 175 -3.12 -14.19 6.26
C GLU A 175 -3.14 -15.15 7.43
N ALA A 176 -3.84 -16.28 7.32
CA ALA A 176 -4.11 -17.17 8.43
C ALA A 176 -2.92 -17.49 9.31
N ALA A 177 -1.78 -17.77 8.71
CA ALA A 177 -0.62 -18.24 9.46
C ALA A 177 0.00 -17.09 10.22
N ALA A 178 -0.02 -15.89 9.63
CA ALA A 178 0.42 -14.68 10.32
C ALA A 178 -0.47 -14.45 11.56
N VAL A 179 -1.77 -14.58 11.39
CA VAL A 179 -2.70 -14.40 12.49
C VAL A 179 -2.39 -15.44 13.57
N ALA A 180 -2.29 -16.71 13.17
CA ALA A 180 -2.07 -17.80 14.09
C ALA A 180 -0.75 -17.67 14.82
N GLN A 181 0.31 -17.36 14.07
CA GLN A 181 1.63 -17.21 14.65
C GLN A 181 1.67 -16.10 15.69
N VAL A 182 0.98 -14.99 15.43
CA VAL A 182 0.91 -13.91 16.42
C VAL A 182 0.16 -14.41 17.66
N CYS A 183 -1.05 -14.93 17.43
CA CYS A 183 -1.87 -15.50 18.48
C CYS A 183 -1.15 -16.58 19.27
N HIS A 184 -0.39 -17.40 18.56
CA HIS A 184 0.46 -18.40 19.20
C HIS A 184 1.34 -17.75 20.26
N GLN A 185 2.02 -16.68 19.90
CA GLN A 185 2.96 -16.05 20.82
C GLN A 185 2.31 -15.21 21.91
N TYR A 186 1.13 -14.67 21.61
CA TYR A 186 0.31 -14.02 22.62
C TYR A 186 -0.52 -15.03 23.45
N GLU A 187 -0.52 -16.29 23.02
CA GLU A 187 -1.33 -17.35 23.64
C GLU A 187 -2.82 -17.02 23.64
N VAL A 188 -3.33 -16.59 22.49
CA VAL A 188 -4.74 -16.32 22.29
C VAL A 188 -5.29 -17.40 21.38
N PRO A 189 -6.40 -18.06 21.80
CA PRO A 189 -7.07 -19.02 20.93
C PRO A 189 -7.52 -18.40 19.61
N PHE A 190 -7.39 -19.15 18.53
CA PHE A 190 -7.79 -18.69 17.22
C PHE A 190 -8.49 -19.80 16.43
N VAL A 191 -9.19 -19.38 15.38
CA VAL A 191 -9.66 -20.31 14.37
C VAL A 191 -9.86 -19.54 13.07
N ILE A 192 -9.56 -20.20 11.95
CA ILE A 192 -9.82 -19.63 10.63
C ILE A 192 -11.12 -20.21 10.09
N ILE A 193 -12.00 -19.33 9.64
CA ILE A 193 -13.21 -19.76 8.95
C ILE A 193 -13.35 -18.96 7.66
N ARG A 194 -13.00 -19.60 6.55
CA ARG A 194 -13.03 -18.95 5.26
C ARG A 194 -13.84 -19.76 4.27
N ALA A 195 -14.31 -19.09 3.22
CA ALA A 195 -15.04 -19.74 2.13
C ALA A 195 -14.19 -19.68 0.87
N LEU A 196 -14.51 -20.55 -0.10
CA LEU A 196 -13.72 -20.62 -1.33
C LEU A 196 -14.28 -19.68 -2.40
N SER A 197 -13.41 -18.77 -2.84
CA SER A 197 -13.70 -17.86 -3.95
C SER A 197 -13.37 -18.52 -5.29
N ASP A 198 -12.43 -19.46 -5.27
CA ASP A 198 -11.93 -20.10 -6.47
C ASP A 198 -11.13 -21.35 -6.12
N ILE A 199 -10.65 -22.03 -7.16
CA ILE A 199 -9.79 -23.20 -7.02
C ILE A 199 -8.38 -22.78 -7.40
N ALA A 200 -7.45 -22.92 -6.46
CA ALA A 200 -6.08 -22.47 -6.66
C ALA A 200 -5.47 -23.11 -7.91
N GLY A 201 -4.96 -22.26 -8.81
CA GLY A 201 -4.26 -22.72 -10.01
C GLY A 201 -5.14 -22.96 -11.21
N LYS A 202 -6.45 -22.86 -11.04
CA LYS A 202 -7.32 -23.15 -12.16
C LYS A 202 -7.60 -21.88 -12.97
N GLU A 203 -8.69 -21.19 -12.71
CA GLU A 203 -8.95 -19.96 -13.45
C GLU A 203 -9.08 -18.97 -12.34
N SER A 204 -8.10 -18.99 -11.44
CA SER A 204 -8.28 -18.49 -10.09
C SER A 204 -8.78 -17.06 -10.02
N ASN A 205 -8.10 -16.14 -10.70
CA ASN A 205 -8.42 -14.72 -10.55
C ASN A 205 -9.75 -14.32 -11.20
N VAL A 206 -10.10 -15.00 -12.29
CA VAL A 206 -11.40 -14.78 -12.94
C VAL A 206 -12.52 -15.33 -12.07
N SER A 207 -12.30 -16.51 -11.48
CA SER A 207 -13.24 -17.09 -10.54
C SER A 207 -13.37 -16.22 -9.28
N PHE A 208 -12.23 -15.72 -8.79
CA PHE A 208 -12.18 -14.91 -7.58
C PHE A 208 -13.03 -13.63 -7.69
N ASP A 209 -12.81 -12.88 -8.76
CA ASP A 209 -13.64 -11.67 -9.03
C ASP A 209 -15.12 -12.02 -9.12
N GLN A 210 -15.41 -13.22 -9.60
CA GLN A 210 -16.79 -13.64 -9.80
C GLN A 210 -17.48 -14.06 -8.50
N PHE A 211 -16.75 -14.72 -7.59
CA PHE A 211 -17.35 -15.33 -6.39
C PHE A 211 -16.72 -14.85 -5.06
N LEU A 212 -16.14 -13.66 -5.04
CA LEU A 212 -15.58 -13.10 -3.80
C LEU A 212 -16.69 -12.70 -2.83
N ASP A 213 -17.72 -12.03 -3.36
CA ASP A 213 -18.86 -11.61 -2.56
C ASP A 213 -19.58 -12.82 -1.95
N GLN A 214 -19.75 -13.88 -2.75
CA GLN A 214 -20.32 -15.13 -2.26
C GLN A 214 -19.48 -15.73 -1.13
N ALA A 215 -18.16 -15.69 -1.29
CA ALA A 215 -17.25 -16.24 -0.29
C ALA A 215 -17.32 -15.46 1.01
N ALA A 216 -17.36 -14.14 0.90
CA ALA A 216 -17.57 -13.27 2.05
C ALA A 216 -18.88 -13.62 2.76
N LEU A 217 -19.94 -13.76 1.98
CA LEU A 217 -21.27 -14.04 2.53
C LEU A 217 -21.33 -15.36 3.28
N HIS A 218 -20.87 -16.44 2.64
CA HIS A 218 -20.91 -17.75 3.26
C HIS A 218 -20.05 -17.79 4.53
N SER A 219 -18.84 -17.24 4.42
CA SER A 219 -17.94 -17.18 5.57
C SER A 219 -18.56 -16.38 6.72
N THR A 220 -19.11 -15.21 6.40
CA THR A 220 -19.72 -14.36 7.42
C THR A 220 -20.91 -15.05 8.10
N ASN A 221 -21.78 -15.68 7.33
CA ASN A 221 -22.98 -16.32 7.88
C ASN A 221 -22.67 -17.46 8.84
N PHE A 222 -21.66 -18.27 8.49
CA PHE A 222 -21.24 -19.37 9.36
C PHE A 222 -20.69 -18.83 10.67
N ILE A 223 -19.91 -17.76 10.57
CA ILE A 223 -19.33 -17.10 11.73
C ILE A 223 -20.41 -16.57 12.65
N VAL A 224 -21.44 -15.98 12.05
CA VAL A 224 -22.56 -15.43 12.82
C VAL A 224 -23.22 -16.53 13.64
N LYS A 225 -23.41 -17.70 13.05
CA LYS A 225 -24.06 -18.79 13.77
C LYS A 225 -23.12 -19.46 14.78
N VAL A 226 -21.81 -19.42 14.54
CA VAL A 226 -20.84 -19.84 15.55
C VAL A 226 -20.87 -18.87 16.75
N LEU A 227 -20.90 -17.56 16.46
CA LEU A 227 -21.04 -16.54 17.51
C LEU A 227 -22.34 -16.73 18.27
N GLU A 228 -23.43 -16.81 17.52
CA GLU A 228 -24.74 -17.04 18.06
C GLU A 228 -24.79 -18.26 18.95
N GLU A 229 -24.06 -19.31 18.58
CA GLU A 229 -24.00 -20.52 19.41
C GLU A 229 -23.31 -20.25 20.76
N LEU A 230 -23.23 -18.99 21.17
CA LEU A 230 -23.01 -18.67 22.56
C LEU A 230 -23.91 -17.47 23.01
N LYS A 231 -24.95 -17.63 23.84
CA LYS A 231 -25.97 -18.72 23.88
C LYS A 231 -25.58 -20.15 24.26
N LEU A 232 -24.36 -20.34 24.73
CA LEU A 232 -23.93 -21.64 25.18
C LEU A 232 -23.20 -21.43 26.47
N GLU A 233 -22.61 -20.25 26.67
CA GLU A 233 -22.23 -19.85 27.99
C GLU A 233 -23.43 -19.76 28.94
N HIS A 234 -24.64 -19.54 28.41
CA HIS A 234 -25.87 -19.61 29.21
C HIS A 234 -26.85 -20.74 28.78
N HIS A 235 -27.34 -20.61 27.54
CA HIS A 235 -28.49 -21.37 26.98
C HIS A 235 -29.85 -21.05 27.58
N HIS A 236 -29.93 -20.04 28.45
CA HIS A 236 -31.17 -19.68 29.10
C HIS A 236 -32.09 -18.92 28.13
N HIS A 237 -31.85 -17.62 27.93
CA HIS A 237 -32.74 -16.74 27.16
C HIS A 237 -34.21 -17.20 27.04
N ARG B 2 13.85 6.40 21.95
CA ARG B 2 13.96 7.34 20.79
C ARG B 2 14.59 6.71 19.55
N ILE B 3 15.68 5.94 19.65
CA ILE B 3 16.17 5.17 18.48
C ILE B 3 16.09 3.64 18.68
N ALA B 4 15.52 2.94 17.71
CA ALA B 4 15.36 1.48 17.81
C ALA B 4 16.32 0.74 16.87
N VAL B 5 16.90 -0.34 17.36
CA VAL B 5 17.71 -1.23 16.54
C VAL B 5 17.15 -2.63 16.68
N ILE B 6 16.85 -3.26 15.54
CA ILE B 6 16.19 -4.56 15.52
C ILE B 6 17.09 -5.61 14.89
N GLY B 7 17.29 -6.71 15.60
CA GLY B 7 18.06 -7.86 15.09
C GLY B 7 17.26 -9.13 15.34
N ALA B 8 17.47 -10.13 14.50
CA ALA B 8 16.63 -11.33 14.54
C ALA B 8 17.15 -12.35 15.53
N MET B 9 18.46 -12.56 15.53
CA MET B 9 19.07 -13.63 16.29
C MET B 9 19.87 -13.11 17.45
N GLU B 10 20.20 -14.03 18.36
CA GLU B 10 20.97 -13.70 19.55
C GLU B 10 22.34 -13.12 19.19
N GLU B 11 22.99 -13.74 18.21
CA GLU B 11 24.33 -13.33 17.77
C GLU B 11 24.31 -11.91 17.20
N GLU B 12 23.20 -11.54 16.55
CA GLU B 12 23.07 -10.24 15.90
C GLU B 12 22.77 -9.10 16.86
N VAL B 13 22.33 -9.41 18.09
CA VAL B 13 22.02 -8.37 19.08
C VAL B 13 22.94 -8.36 20.31
N ARG B 14 23.48 -9.53 20.67
CA ARG B 14 24.31 -9.65 21.88
C ARG B 14 25.45 -8.64 21.91
N ILE B 15 26.02 -8.33 20.74
CA ILE B 15 27.15 -7.39 20.66
C ILE B 15 26.68 -6.01 21.10
N LEU B 16 25.63 -5.51 20.47
CA LEU B 16 25.04 -4.25 20.90
C LEU B 16 24.59 -4.27 22.36
N ARG B 17 23.94 -5.35 22.78
CA ARG B 17 23.36 -5.39 24.12
C ARG B 17 24.40 -5.19 25.23
N ASP B 18 25.61 -5.67 25.00
CA ASP B 18 26.68 -5.53 25.98
C ASP B 18 27.21 -4.08 26.05
N LYS B 19 27.09 -3.34 24.94
CA LYS B 19 27.49 -1.93 24.90
C LYS B 19 26.47 -1.01 25.58
N LEU B 20 25.23 -1.48 25.70
CA LEU B 20 24.19 -0.66 26.33
C LEU B 20 24.50 -0.48 27.80
N GLU B 21 24.19 0.70 28.31
CA GLU B 21 24.32 1.00 29.73
C GLU B 21 22.96 1.35 30.29
N GLN B 22 22.79 1.15 31.59
CA GLN B 22 21.50 1.28 32.23
C GLN B 22 20.49 0.35 31.55
N ALA B 23 20.94 -0.86 31.26
CA ALA B 23 20.15 -1.83 30.50
C ALA B 23 19.00 -2.36 31.35
N GLU B 24 17.81 -2.33 30.76
CA GLU B 24 16.60 -2.77 31.43
C GLU B 24 15.80 -3.57 30.41
N THR B 25 15.89 -4.90 30.51
CA THR B 25 15.25 -5.81 29.54
C THR B 25 13.86 -6.26 29.99
N GLU B 26 12.96 -6.38 29.01
CA GLU B 26 11.59 -6.80 29.26
C GLU B 26 11.09 -7.61 28.06
N THR B 27 10.35 -8.69 28.34
CA THR B 27 9.85 -9.60 27.30
C THR B 27 8.35 -9.42 27.07
N VAL B 28 7.98 -9.30 25.80
CA VAL B 28 6.59 -9.15 25.39
C VAL B 28 6.34 -10.13 24.24
N ALA B 29 5.39 -11.03 24.43
CA ALA B 29 5.05 -12.05 23.43
C ALA B 29 6.27 -12.88 23.00
N GLY B 30 7.14 -13.18 23.98
CA GLY B 30 8.36 -13.93 23.73
C GLY B 30 9.47 -13.15 23.04
N CYS B 31 9.28 -11.85 22.89
CA CYS B 31 10.26 -10.99 22.22
C CYS B 31 11.00 -10.15 23.25
N GLU B 32 12.33 -10.18 23.17
CA GLU B 32 13.20 -9.45 24.08
C GLU B 32 13.27 -7.98 23.67
N PHE B 33 13.06 -7.08 24.64
CA PHE B 33 13.25 -5.65 24.42
C PHE B 33 14.23 -5.14 25.46
N THR B 34 15.48 -4.92 25.06
CA THR B 34 16.45 -4.31 25.97
C THR B 34 16.55 -2.81 25.70
N LYS B 35 16.49 -2.03 26.77
CA LYS B 35 16.43 -0.57 26.69
C LYS B 35 17.56 0.02 27.53
N GLY B 36 18.40 0.84 26.90
CA GLY B 36 19.54 1.44 27.56
C GLY B 36 20.13 2.62 26.82
N GLN B 37 21.35 2.99 27.19
CA GLN B 37 22.03 4.16 26.63
C GLN B 37 23.25 3.76 25.81
N LEU B 38 23.36 4.32 24.60
CA LEU B 38 24.54 4.13 23.77
C LEU B 38 24.73 5.35 22.87
N ALA B 39 25.98 5.81 22.77
CA ALA B 39 26.33 7.00 21.98
C ALA B 39 25.39 8.18 22.29
N GLY B 40 25.11 8.36 23.59
CA GLY B 40 24.15 9.37 24.04
C GLY B 40 22.78 9.30 23.38
N HIS B 41 22.32 8.10 23.04
CA HIS B 41 20.97 7.88 22.54
C HIS B 41 20.26 6.96 23.50
N GLU B 42 18.94 7.12 23.59
CA GLU B 42 18.11 6.12 24.24
C GLU B 42 17.79 5.09 23.17
N VAL B 43 18.35 3.90 23.34
CA VAL B 43 18.33 2.87 22.31
C VAL B 43 17.46 1.69 22.76
N ILE B 44 16.43 1.39 21.99
CA ILE B 44 15.59 0.23 22.24
C ILE B 44 16.07 -0.91 21.34
N LEU B 45 16.69 -1.91 21.96
CA LEU B 45 17.22 -3.05 21.25
C LEU B 45 16.19 -4.17 21.28
N LEU B 46 15.87 -4.71 20.11
CA LEU B 46 14.84 -5.72 19.99
C LEU B 46 15.34 -6.94 19.24
N LYS B 47 15.26 -8.11 19.88
CA LYS B 47 15.45 -9.38 19.20
C LYS B 47 14.10 -9.85 18.65
N SER B 48 13.96 -9.77 17.34
CA SER B 48 12.67 -9.93 16.67
C SER B 48 12.34 -11.38 16.41
N GLY B 49 13.34 -12.24 16.39
CA GLY B 49 13.17 -13.58 15.85
C GLY B 49 13.20 -13.52 14.32
N ILE B 50 13.24 -14.70 13.73
CA ILE B 50 13.46 -14.85 12.29
C ILE B 50 12.13 -14.85 11.54
N GLY B 51 12.10 -14.23 10.36
CA GLY B 51 10.95 -14.30 9.46
C GLY B 51 10.08 -13.06 9.45
N LYS B 52 9.20 -12.98 8.45
CA LYS B 52 8.36 -11.81 8.24
C LYS B 52 7.38 -11.55 9.37
N VAL B 53 6.68 -12.60 9.78
CA VAL B 53 5.65 -12.45 10.82
C VAL B 53 6.28 -12.08 12.17
N ASN B 54 7.37 -12.74 12.53
CA ASN B 54 8.11 -12.38 13.73
C ASN B 54 8.55 -10.93 13.71
N ALA B 55 9.17 -10.52 12.62
CA ALA B 55 9.64 -9.14 12.49
C ALA B 55 8.49 -8.16 12.51
N ALA B 56 7.40 -8.48 11.80
CA ALA B 56 6.25 -7.58 11.75
C ALA B 56 5.60 -7.41 13.12
N MET B 57 5.37 -8.53 13.80
CA MET B 57 4.78 -8.53 15.14
C MET B 57 5.65 -7.73 16.11
N SER B 58 6.92 -8.11 16.15
CA SER B 58 7.87 -7.51 17.06
C SER B 58 8.07 -6.01 16.77
N THR B 59 8.15 -5.63 15.50
CA THR B 59 8.25 -4.21 15.12
C THR B 59 6.99 -3.44 15.56
N THR B 60 5.82 -4.09 15.45
CA THR B 60 4.56 -3.45 15.84
C THR B 60 4.50 -3.23 17.35
N ILE B 61 4.94 -4.22 18.12
CA ILE B 61 5.00 -4.08 19.56
C ILE B 61 5.92 -2.92 19.95
N LEU B 62 7.09 -2.86 19.32
CA LEU B 62 8.03 -1.77 19.51
C LEU B 62 7.35 -0.41 19.31
N LEU B 63 6.75 -0.24 18.13
CA LEU B 63 6.14 1.04 17.76
C LEU B 63 4.94 1.40 18.63
N GLU B 64 4.22 0.39 19.12
CA GLU B 64 3.09 0.64 20.00
C GLU B 64 3.55 1.06 21.39
N ARG B 65 4.43 0.25 21.98
CA ARG B 65 4.86 0.43 23.36
C ARG B 65 5.96 1.47 23.55
N TYR B 66 6.93 1.51 22.65
CA TYR B 66 8.13 2.33 22.86
C TYR B 66 8.18 3.62 22.05
N LYS B 67 7.48 3.67 20.92
CA LYS B 67 7.38 4.88 20.12
C LYS B 67 8.75 5.49 19.75
N PRO B 68 9.63 4.70 19.13
CA PRO B 68 10.92 5.23 18.73
C PRO B 68 10.78 6.13 17.51
N GLU B 69 11.64 7.14 17.43
CA GLU B 69 11.59 8.15 16.37
C GLU B 69 12.15 7.60 15.06
N LYS B 70 13.14 6.71 15.17
CA LYS B 70 13.75 6.06 14.02
C LYS B 70 14.04 4.59 14.32
N VAL B 71 14.20 3.80 13.27
CA VAL B 71 14.38 2.36 13.40
C VAL B 71 15.50 1.89 12.49
N ILE B 72 16.41 1.08 13.03
CA ILE B 72 17.46 0.49 12.24
C ILE B 72 17.37 -1.01 12.34
N ASN B 73 17.49 -1.67 11.19
CA ASN B 73 17.46 -3.13 11.16
C ASN B 73 18.84 -3.66 10.85
N THR B 74 19.32 -4.57 11.69
CA THR B 74 20.68 -5.10 11.60
C THR B 74 20.70 -6.62 11.45
N GLY B 75 21.89 -7.18 11.33
CA GLY B 75 22.05 -8.64 11.25
C GLY B 75 22.76 -9.11 9.99
N SER B 76 22.66 -10.41 9.74
CA SER B 76 23.28 -11.02 8.58
C SER B 76 22.36 -10.93 7.35
N ALA B 77 22.92 -11.21 6.18
CA ALA B 77 22.16 -11.25 4.94
C ALA B 77 22.94 -12.01 3.87
N GLY B 78 22.23 -12.49 2.87
CA GLY B 78 22.85 -13.26 1.80
C GLY B 78 23.22 -12.39 0.62
N GLY B 79 24.48 -12.43 0.22
CA GLY B 79 24.95 -11.60 -0.87
C GLY B 79 24.32 -11.99 -2.19
N PHE B 80 23.88 -10.97 -2.93
CA PHE B 80 23.23 -11.19 -4.23
C PHE B 80 23.98 -10.56 -5.40
N HIS B 81 24.55 -9.36 -5.21
CA HIS B 81 25.31 -8.67 -6.26
C HIS B 81 26.74 -9.23 -6.35
N HIS B 82 27.22 -9.40 -7.58
CA HIS B 82 28.46 -10.15 -7.84
C HIS B 82 29.75 -9.47 -7.38
N SER B 83 29.68 -8.18 -7.06
CA SER B 83 30.84 -7.45 -6.56
C SER B 83 31.10 -7.71 -5.08
N LEU B 84 30.08 -8.16 -4.35
CA LEU B 84 30.14 -8.22 -2.88
C LEU B 84 30.70 -9.53 -2.36
N ASN B 85 31.38 -9.44 -1.22
CA ASN B 85 31.96 -10.59 -0.54
C ASN B 85 31.38 -10.75 0.86
N VAL B 86 31.62 -11.92 1.43
CA VAL B 86 31.29 -12.16 2.84
C VAL B 86 32.05 -11.14 3.68
N GLY B 87 31.36 -10.55 4.65
CA GLY B 87 31.93 -9.51 5.49
C GLY B 87 31.45 -8.10 5.15
N ASP B 88 31.06 -7.90 3.89
CA ASP B 88 30.66 -6.57 3.42
C ASP B 88 29.34 -6.11 4.03
N VAL B 89 29.25 -4.81 4.27
CA VAL B 89 28.08 -4.18 4.84
C VAL B 89 27.24 -3.52 3.74
N VAL B 90 25.92 -3.63 3.86
CA VAL B 90 24.99 -3.04 2.89
C VAL B 90 24.00 -2.13 3.60
N ILE B 91 23.95 -0.87 3.17
CA ILE B 91 22.88 0.05 3.61
C ILE B 91 21.73 -0.04 2.63
N SER B 92 20.51 -0.15 3.15
CA SER B 92 19.33 -0.17 2.31
C SER B 92 19.10 1.20 1.68
N THR B 93 19.06 1.25 0.36
CA THR B 93 18.44 2.37 -0.35
C THR B 93 16.94 2.16 -0.30
N GLU B 94 16.53 0.95 -0.65
CA GLU B 94 15.13 0.59 -0.76
C GLU B 94 14.98 -0.86 -0.29
N VAL B 95 13.78 -1.23 0.14
CA VAL B 95 13.48 -2.61 0.54
C VAL B 95 12.25 -3.15 -0.19
N ARG B 96 12.33 -4.42 -0.61
CA ARG B 96 11.23 -5.09 -1.30
C ARG B 96 11.06 -6.52 -0.80
N HIS B 97 9.89 -7.09 -1.05
CA HIS B 97 9.66 -8.51 -0.85
C HIS B 97 10.08 -9.21 -2.12
N HIS B 98 10.88 -10.26 -2.04
CA HIS B 98 11.20 -11.03 -3.26
C HIS B 98 10.26 -12.21 -3.49
N ASP B 99 9.49 -12.58 -2.47
CA ASP B 99 8.61 -13.75 -2.55
C ASP B 99 7.13 -13.37 -2.59
N VAL B 100 6.84 -12.10 -2.79
CA VAL B 100 5.44 -11.68 -2.94
C VAL B 100 5.04 -11.70 -4.42
N ASP B 101 3.94 -12.38 -4.72
CA ASP B 101 3.44 -12.45 -6.08
C ASP B 101 1.93 -12.37 -6.11
N VAL B 102 1.44 -11.17 -6.39
CA VAL B 102 0.04 -10.95 -6.68
C VAL B 102 -0.05 -10.30 -8.06
N THR B 103 0.72 -10.84 -9.00
CA THR B 103 0.78 -10.32 -10.36
C THR B 103 -0.47 -10.70 -11.17
N ALA B 104 -1.25 -11.63 -10.64
CA ALA B 104 -2.55 -11.98 -11.22
C ALA B 104 -3.53 -10.79 -11.17
N PHE B 105 -3.28 -9.83 -10.29
CA PHE B 105 -4.07 -8.60 -10.24
C PHE B 105 -3.20 -7.38 -10.55
N ASN B 106 -2.23 -7.58 -11.45
CA ASN B 106 -1.40 -6.52 -12.01
C ASN B 106 -0.65 -5.63 -11.02
N TYR B 107 -0.33 -6.17 -9.85
CA TYR B 107 0.68 -5.56 -9.00
C TYR B 107 1.98 -6.07 -9.55
N GLU B 108 3.01 -5.24 -9.58
CA GLU B 108 4.30 -5.70 -10.07
C GLU B 108 4.91 -6.67 -9.07
N TYR B 109 5.82 -7.50 -9.55
CA TYR B 109 6.37 -8.58 -8.74
C TYR B 109 6.96 -8.05 -7.44
N GLY B 110 6.66 -8.71 -6.34
CA GLY B 110 7.15 -8.29 -5.02
C GLY B 110 6.26 -7.28 -4.31
N GLN B 111 5.33 -6.66 -5.02
CA GLN B 111 4.48 -5.63 -4.45
C GLN B 111 3.30 -6.24 -3.70
N VAL B 112 3.22 -5.93 -2.41
CA VAL B 112 2.08 -6.25 -1.57
C VAL B 112 0.94 -5.30 -1.93
N PRO B 113 -0.29 -5.82 -2.12
CA PRO B 113 -1.41 -4.96 -2.49
C PRO B 113 -1.69 -3.83 -1.48
N GLY B 114 -1.91 -2.63 -1.99
CA GLY B 114 -2.10 -1.46 -1.15
C GLY B 114 -0.81 -0.85 -0.67
N MET B 115 0.31 -1.47 -1.01
CA MET B 115 1.64 -0.95 -0.68
C MET B 115 2.33 -0.47 -1.94
N PRO B 116 3.26 0.49 -1.79
CA PRO B 116 4.10 0.83 -2.93
C PRO B 116 4.99 -0.37 -3.30
N PRO B 117 5.45 -0.44 -4.55
CA PRO B 117 6.28 -1.58 -4.99
C PRO B 117 7.51 -1.84 -4.12
N GLY B 118 8.02 -0.80 -3.50
CA GLY B 118 9.14 -0.92 -2.56
C GLY B 118 9.11 0.18 -1.52
N PHE B 119 9.91 0.00 -0.46
CA PHE B 119 9.92 0.91 0.67
C PHE B 119 11.26 1.63 0.76
N LYS B 120 11.23 2.93 0.49
CA LYS B 120 12.43 3.75 0.50
C LYS B 120 12.91 4.00 1.91
N ALA B 121 14.21 3.80 2.14
CA ALA B 121 14.79 4.08 3.45
C ALA B 121 14.89 5.58 3.64
N ASP B 122 15.09 6.00 4.88
CA ASP B 122 15.13 7.42 5.23
C ASP B 122 16.34 8.12 4.61
N GLU B 123 16.08 9.21 3.89
CA GLU B 123 17.14 9.95 3.20
C GLU B 123 18.21 10.46 4.15
N ALA B 124 17.79 10.97 5.29
CA ALA B 124 18.71 11.51 6.30
C ALA B 124 19.62 10.41 6.85
N LEU B 125 19.04 9.28 7.20
CA LEU B 125 19.81 8.14 7.71
C LEU B 125 20.76 7.58 6.67
N VAL B 126 20.28 7.45 5.44
CA VAL B 126 21.14 6.98 4.35
C VAL B 126 22.31 7.95 4.13
N ALA B 127 21.99 9.24 4.06
CA ALA B 127 23.02 10.28 3.88
C ALA B 127 24.07 10.23 4.99
N LEU B 128 23.59 10.04 6.21
CA LEU B 128 24.46 9.91 7.36
C LEU B 128 25.33 8.66 7.23
N ALA B 129 24.71 7.52 6.97
CA ALA B 129 25.46 6.27 6.80
C ALA B 129 26.53 6.42 5.73
N GLU B 130 26.16 7.05 4.61
CA GLU B 130 27.08 7.30 3.50
C GLU B 130 28.40 7.92 3.98
N LYS B 131 28.30 8.96 4.80
CA LYS B 131 29.50 9.65 5.28
C LYS B 131 30.43 8.71 6.07
N CYS B 132 29.85 7.77 6.80
CA CYS B 132 30.67 6.83 7.58
C CYS B 132 31.18 5.61 6.79
N MET B 133 30.85 5.52 5.50
CA MET B 133 31.35 4.44 4.64
C MET B 133 32.87 4.38 4.60
N GLN B 140 34.54 -3.14 3.56
CA GLN B 140 33.81 -2.52 2.44
C GLN B 140 32.31 -2.35 2.72
N VAL B 141 31.84 -1.11 2.61
CA VAL B 141 30.45 -0.75 2.85
C VAL B 141 29.84 -0.23 1.55
N VAL B 142 28.62 -0.67 1.24
CA VAL B 142 27.91 -0.26 0.02
C VAL B 142 26.45 0.10 0.32
N LYS B 143 25.81 0.69 -0.67
CA LYS B 143 24.47 1.20 -0.54
C LYS B 143 23.65 0.62 -1.69
N GLY B 144 22.55 -0.05 -1.38
CA GLY B 144 21.76 -0.72 -2.42
C GLY B 144 20.49 -1.38 -1.92
N MET B 145 19.78 -2.02 -2.85
CA MET B 145 18.48 -2.60 -2.54
C MET B 145 18.61 -3.95 -1.83
N ILE B 146 17.76 -4.13 -0.81
CA ILE B 146 17.67 -5.37 -0.06
C ILE B 146 16.25 -5.92 -0.21
N ALA B 147 16.12 -7.21 -0.48
CA ALA B 147 14.81 -7.84 -0.66
C ALA B 147 14.64 -9.00 0.31
N THR B 148 13.42 -9.18 0.82
CA THR B 148 13.20 -10.16 1.87
C THR B 148 12.15 -11.20 1.47
N GLY B 149 12.37 -12.42 1.90
CA GLY B 149 11.39 -13.50 1.74
C GLY B 149 11.40 -14.38 2.96
N ASP B 150 10.38 -15.21 3.12
CA ASP B 150 10.30 -16.12 4.27
C ASP B 150 11.06 -17.43 4.04
N SER B 151 12.21 -17.35 3.38
CA SER B 151 13.02 -18.51 3.11
C SER B 151 14.52 -18.16 3.16
N PHE B 152 15.33 -19.13 3.54
CA PHE B 152 16.78 -19.01 3.45
C PHE B 152 17.20 -19.40 2.04
N MET B 153 17.75 -18.46 1.29
CA MET B 153 18.12 -18.67 -0.11
C MET B 153 19.42 -19.46 -0.26
N SER B 154 19.34 -20.77 -0.04
CA SER B 154 20.47 -21.68 -0.28
C SER B 154 20.37 -22.39 -1.64
N ASP B 155 19.17 -22.50 -2.17
CA ASP B 155 18.94 -23.16 -3.45
C ASP B 155 19.33 -22.23 -4.60
N PRO B 156 20.30 -22.65 -5.45
CA PRO B 156 20.68 -21.84 -6.62
C PRO B 156 19.54 -21.49 -7.56
N ASN B 157 18.59 -22.41 -7.73
CA ASN B 157 17.46 -22.19 -8.63
C ASN B 157 16.56 -21.08 -8.13
N ARG B 158 16.31 -21.09 -6.83
CA ARG B 158 15.55 -20.05 -6.20
C ARG B 158 16.22 -18.70 -6.36
N VAL B 159 17.54 -18.68 -6.25
CA VAL B 159 18.32 -17.45 -6.42
C VAL B 159 18.23 -16.95 -7.86
N ALA B 160 18.42 -17.84 -8.82
CA ALA B 160 18.28 -17.50 -10.24
C ALA B 160 16.90 -16.93 -10.57
N ALA B 161 15.85 -17.51 -10.00
CA ALA B 161 14.48 -17.06 -10.22
C ALA B 161 14.26 -15.60 -9.78
N ILE B 162 15.00 -15.20 -8.73
CA ILE B 162 14.91 -13.85 -8.16
C ILE B 162 15.72 -12.83 -8.96
N ARG B 163 16.85 -13.25 -9.52
CA ARG B 163 17.75 -12.38 -10.30
C ARG B 163 17.02 -11.59 -11.37
N ASP B 164 16.11 -12.27 -12.05
CA ASP B 164 15.45 -11.71 -13.21
C ASP B 164 14.25 -10.83 -12.84
N LYS B 165 13.91 -10.75 -11.55
CA LYS B 165 12.74 -10.01 -11.11
C LYS B 165 13.06 -8.57 -10.69
N PHE B 166 14.29 -8.32 -10.22
CA PHE B 166 14.67 -6.98 -9.75
C PHE B 166 15.88 -6.41 -10.49
N GLU B 167 16.06 -5.09 -10.38
CA GLU B 167 17.00 -4.36 -11.23
C GLU B 167 18.47 -4.64 -10.92
N ASN B 168 18.88 -4.39 -9.68
CA ASN B 168 20.18 -4.88 -9.21
C ASN B 168 20.16 -5.02 -7.72
N LEU B 169 19.57 -6.14 -7.30
CA LEU B 169 19.48 -6.53 -5.91
C LEU B 169 20.88 -6.74 -5.33
N TYR B 170 21.08 -6.27 -4.11
CA TYR B 170 22.40 -6.38 -3.44
C TYR B 170 22.44 -7.54 -2.46
N ALA B 171 21.46 -7.61 -1.57
CA ALA B 171 21.41 -8.64 -0.54
C ALA B 171 19.99 -9.14 -0.31
N VAL B 172 19.91 -10.32 0.30
CA VAL B 172 18.63 -10.94 0.59
C VAL B 172 18.58 -11.47 2.03
N GLU B 173 17.43 -11.33 2.67
CA GLU B 173 17.26 -11.88 4.01
C GLU B 173 15.78 -12.14 4.32
N MET B 174 15.36 -12.03 5.59
CA MET B 174 14.04 -12.49 5.99
C MET B 174 13.27 -11.56 6.94
N GLU B 175 13.69 -10.30 7.09
CA GLU B 175 12.94 -9.38 7.98
C GLU B 175 12.75 -7.95 7.46
N ALA B 176 13.73 -7.42 6.73
CA ALA B 176 13.78 -6.01 6.35
C ALA B 176 12.46 -5.43 5.82
N ALA B 177 11.78 -6.17 4.96
CA ALA B 177 10.59 -5.66 4.28
C ALA B 177 9.41 -5.63 5.25
N ALA B 178 9.36 -6.60 6.17
CA ALA B 178 8.36 -6.59 7.23
C ALA B 178 8.57 -5.37 8.12
N VAL B 179 9.82 -5.10 8.47
CA VAL B 179 10.15 -3.94 9.30
C VAL B 179 9.73 -2.67 8.56
N ALA B 180 10.15 -2.55 7.31
CA ALA B 180 9.88 -1.37 6.50
C ALA B 180 8.41 -1.16 6.26
N GLN B 181 7.70 -2.22 5.92
CA GLN B 181 6.26 -2.16 5.68
C GLN B 181 5.49 -1.69 6.92
N VAL B 182 5.88 -2.18 8.10
CA VAL B 182 5.25 -1.72 9.34
C VAL B 182 5.56 -0.23 9.56
N CYS B 183 6.85 0.12 9.51
CA CYS B 183 7.30 1.50 9.62
C CYS B 183 6.64 2.41 8.58
N HIS B 184 6.49 1.91 7.37
CA HIS B 184 5.78 2.63 6.33
C HIS B 184 4.41 3.06 6.83
N GLN B 185 3.66 2.13 7.38
CA GLN B 185 2.29 2.43 7.81
C GLN B 185 2.21 3.24 9.10
N TYR B 186 3.20 3.09 9.96
CA TYR B 186 3.33 3.94 11.14
C TYR B 186 4.00 5.30 10.80
N GLU B 187 4.53 5.41 9.59
CA GLU B 187 5.28 6.60 9.13
C GLU B 187 6.49 6.88 10.02
N VAL B 188 7.28 5.84 10.29
CA VAL B 188 8.50 5.95 11.05
C VAL B 188 9.65 5.74 10.08
N PRO B 189 10.62 6.67 10.04
CA PRO B 189 11.82 6.47 9.23
C PRO B 189 12.57 5.20 9.62
N PHE B 190 13.11 4.52 8.62
CA PHE B 190 13.86 3.30 8.84
C PHE B 190 15.09 3.23 7.95
N VAL B 191 16.01 2.35 8.31
CA VAL B 191 17.09 1.97 7.42
C VAL B 191 17.60 0.59 7.82
N ILE B 192 17.96 -0.21 6.83
CA ILE B 192 18.54 -1.52 7.07
C ILE B 192 20.05 -1.40 6.95
N ILE B 193 20.76 -1.91 7.96
CA ILE B 193 22.22 -2.02 7.88
C ILE B 193 22.63 -3.42 8.29
N ARG B 194 22.96 -4.24 7.29
CA ARG B 194 23.33 -5.62 7.53
C ARG B 194 24.67 -5.93 6.88
N ALA B 195 25.31 -6.99 7.36
CA ALA B 195 26.56 -7.47 6.80
C ALA B 195 26.31 -8.83 6.17
N LEU B 196 27.22 -9.24 5.29
CA LEU B 196 27.04 -10.51 4.57
C LEU B 196 27.69 -11.67 5.32
N SER B 197 26.87 -12.66 5.65
CA SER B 197 27.33 -13.90 6.25
C SER B 197 27.76 -14.90 5.18
N ASP B 198 27.19 -14.76 3.99
CA ASP B 198 27.43 -15.70 2.89
C ASP B 198 26.96 -15.12 1.57
N ILE B 199 27.15 -15.88 0.50
CA ILE B 199 26.65 -15.53 -0.81
C ILE B 199 25.46 -16.42 -1.12
N ALA B 200 24.30 -15.79 -1.35
CA ALA B 200 23.06 -16.53 -1.57
C ALA B 200 23.20 -17.52 -2.71
N GLY B 201 22.91 -18.79 -2.43
CA GLY B 201 22.93 -19.85 -3.43
C GLY B 201 24.27 -20.56 -3.58
N LYS B 202 25.30 -20.09 -2.91
CA LYS B 202 26.65 -20.67 -2.98
C LYS B 202 27.12 -21.17 -1.62
N GLU B 203 26.95 -22.47 -1.35
CA GLU B 203 27.46 -23.02 -0.09
C GLU B 203 26.93 -22.17 1.13
N SER B 204 25.75 -21.59 0.96
CA SER B 204 25.23 -20.53 1.84
C SER B 204 25.22 -20.88 3.32
N ASN B 205 24.63 -22.02 3.67
CA ASN B 205 24.46 -22.37 5.08
C ASN B 205 25.78 -22.75 5.79
N VAL B 206 26.71 -23.33 5.04
CA VAL B 206 28.04 -23.63 5.58
C VAL B 206 28.82 -22.35 5.79
N SER B 207 28.72 -21.42 4.84
CA SER B 207 29.34 -20.11 4.97
C SER B 207 28.69 -19.32 6.11
N PHE B 208 27.37 -19.40 6.22
CA PHE B 208 26.61 -18.67 7.24
C PHE B 208 27.03 -19.05 8.68
N ASP B 209 27.07 -20.35 8.97
CA ASP B 209 27.56 -20.83 10.27
C ASP B 209 28.99 -20.37 10.56
N GLN B 210 29.78 -20.23 9.49
CA GLN B 210 31.17 -19.86 9.62
C GLN B 210 31.37 -18.36 9.88
N PHE B 211 30.55 -17.51 9.25
CA PHE B 211 30.77 -16.05 9.28
C PHE B 211 29.56 -15.24 9.80
N LEU B 212 28.71 -15.85 10.62
CA LEU B 212 27.58 -15.14 11.22
C LEU B 212 28.05 -14.15 12.29
N ASP B 213 28.97 -14.60 13.15
CA ASP B 213 29.54 -13.75 14.19
C ASP B 213 30.28 -12.55 13.58
N GLN B 214 31.02 -12.78 12.50
CA GLN B 214 31.66 -11.69 11.77
C GLN B 214 30.64 -10.70 11.22
N ALA B 215 29.54 -11.21 10.67
CA ALA B 215 28.51 -10.36 10.09
C ALA B 215 27.82 -9.51 11.16
N ALA B 216 27.54 -10.14 12.30
CA ALA B 216 27.02 -9.40 13.46
C ALA B 216 27.98 -8.29 13.87
N LEU B 217 29.26 -8.62 13.95
CA LEU B 217 30.28 -7.68 14.40
C LEU B 217 30.40 -6.48 13.47
N HIS B 218 30.55 -6.74 12.17
CA HIS B 218 30.71 -5.65 11.19
C HIS B 218 29.47 -4.77 11.15
N SER B 219 28.31 -5.41 11.12
CA SER B 219 27.06 -4.68 11.12
C SER B 219 26.91 -3.83 12.38
N THR B 220 27.19 -4.41 13.55
CA THR B 220 27.07 -3.69 14.81
C THR B 220 28.02 -2.48 14.88
N ASN B 221 29.26 -2.68 14.47
CA ASN B 221 30.26 -1.61 14.52
C ASN B 221 29.92 -0.41 13.64
N PHE B 222 29.41 -0.66 12.43
CA PHE B 222 28.99 0.42 11.53
C PHE B 222 27.83 1.19 12.14
N ILE B 223 26.90 0.46 12.74
CA ILE B 223 25.74 1.05 13.39
C ILE B 223 26.17 1.94 14.55
N VAL B 224 27.15 1.48 15.32
CA VAL B 224 27.65 2.25 16.44
C VAL B 224 28.20 3.59 15.96
N LYS B 225 28.93 3.58 14.84
CA LYS B 225 29.48 4.82 14.32
C LYS B 225 28.42 5.71 13.69
N VAL B 226 27.37 5.13 13.13
CA VAL B 226 26.26 5.92 12.65
C VAL B 226 25.54 6.59 13.82
N LEU B 227 25.33 5.82 14.90
CA LEU B 227 24.75 6.35 16.13
C LEU B 227 25.62 7.46 16.67
N GLU B 228 26.90 7.15 16.84
CA GLU B 228 27.90 8.14 17.31
C GLU B 228 27.85 9.43 16.50
N GLU B 229 27.65 9.28 15.19
CA GLU B 229 27.53 10.41 14.28
C GLU B 229 26.15 11.09 14.26
N LEU B 230 25.09 10.37 14.63
CA LEU B 230 23.73 10.93 14.70
C LEU B 230 23.52 11.65 16.03
N ARG C 2 4.01 8.87 -15.69
CA ARG C 2 2.77 8.13 -16.14
C ARG C 2 1.53 9.04 -16.23
N ILE C 3 1.16 9.67 -15.12
CA ILE C 3 0.08 10.65 -15.12
C ILE C 3 0.53 12.06 -14.79
N ALA C 4 0.06 13.03 -15.57
CA ALA C 4 0.39 14.42 -15.35
C ALA C 4 -0.79 15.23 -14.82
N VAL C 5 -0.52 16.10 -13.85
CA VAL C 5 -1.52 17.03 -13.34
C VAL C 5 -0.93 18.42 -13.45
N ILE C 6 -1.65 19.32 -14.11
CA ILE C 6 -1.17 20.66 -14.42
C ILE C 6 -2.02 21.70 -13.69
N GLY C 7 -1.36 22.59 -12.95
CA GLY C 7 -2.03 23.70 -12.29
C GLY C 7 -1.27 24.96 -12.59
N ALA C 8 -1.96 26.10 -12.61
CA ALA C 8 -1.34 27.35 -13.04
C ALA C 8 -0.61 28.06 -11.90
N MET C 9 -1.25 28.09 -10.73
CA MET C 9 -0.77 28.91 -9.63
C MET C 9 -0.24 28.04 -8.51
N GLU C 10 0.50 28.69 -7.59
CA GLU C 10 1.07 28.02 -6.44
C GLU C 10 -0.02 27.39 -5.56
N GLU C 11 -1.10 28.13 -5.35
CA GLU C 11 -2.20 27.67 -4.51
C GLU C 11 -2.88 26.43 -5.09
N GLU C 12 -2.92 26.34 -6.42
CA GLU C 12 -3.58 25.24 -7.12
C GLU C 12 -2.75 23.95 -7.18
N VAL C 13 -1.44 24.03 -6.91
CA VAL C 13 -0.58 22.84 -6.92
C VAL C 13 0.00 22.46 -5.55
N ARG C 14 0.18 23.43 -4.66
CA ARG C 14 0.80 23.18 -3.37
C ARG C 14 0.12 22.06 -2.59
N ILE C 15 -1.19 21.95 -2.73
CA ILE C 15 -1.96 20.92 -2.02
C ILE C 15 -1.53 19.55 -2.51
N LEU C 16 -1.58 19.34 -3.81
CA LEU C 16 -1.08 18.11 -4.44
C LEU C 16 0.37 17.84 -4.08
N ARG C 17 1.21 18.87 -4.18
CA ARG C 17 2.65 18.69 -4.03
C ARG C 17 3.04 18.11 -2.66
N ASP C 18 2.28 18.47 -1.62
CA ASP C 18 2.54 17.97 -0.28
C ASP C 18 2.14 16.50 -0.11
N LYS C 19 1.16 16.05 -0.89
CA LYS C 19 0.74 14.63 -0.89
C LYS C 19 1.71 13.73 -1.66
N LEU C 20 2.50 14.30 -2.55
CA LEU C 20 3.47 13.52 -3.32
C LEU C 20 4.52 12.97 -2.39
N GLU C 21 4.94 11.74 -2.67
CA GLU C 21 6.02 11.10 -1.94
C GLU C 21 7.17 10.84 -2.91
N GLN C 22 8.38 10.79 -2.38
CA GLN C 22 9.58 10.68 -3.21
C GLN C 22 9.66 11.85 -4.18
N ALA C 23 9.34 13.04 -3.67
CA ALA C 23 9.23 14.22 -4.50
C ALA C 23 10.60 14.69 -4.96
N GLU C 24 10.71 14.94 -6.27
CA GLU C 24 11.96 15.36 -6.89
C GLU C 24 11.63 16.46 -7.90
N THR C 25 11.85 17.71 -7.49
CA THR C 25 11.46 18.88 -8.29
C THR C 25 12.62 19.39 -9.16
N GLU C 26 12.27 19.84 -10.37
CA GLU C 26 13.26 20.44 -11.26
C GLU C 26 12.58 21.46 -12.17
N THR C 27 13.31 22.51 -12.49
CA THR C 27 12.77 23.67 -13.20
C THR C 27 13.30 23.72 -14.64
N VAL C 28 12.38 23.92 -15.58
CA VAL C 28 12.71 24.04 -17.00
C VAL C 28 12.01 25.27 -17.55
N ALA C 29 12.77 26.22 -18.08
CA ALA C 29 12.23 27.47 -18.61
C ALA C 29 11.37 28.23 -17.59
N GLY C 30 11.80 28.19 -16.33
CA GLY C 30 11.06 28.83 -15.24
C GLY C 30 9.80 28.12 -14.81
N CYS C 31 9.59 26.89 -15.31
CA CYS C 31 8.43 26.08 -14.96
C CYS C 31 8.82 24.97 -13.99
N GLU C 32 8.09 24.87 -12.89
CA GLU C 32 8.33 23.84 -11.88
C GLU C 32 7.75 22.50 -12.33
N PHE C 33 8.55 21.44 -12.25
CA PHE C 33 8.09 20.08 -12.48
C PHE C 33 8.40 19.24 -11.26
N THR C 34 7.40 18.97 -10.43
CA THR C 34 7.60 18.07 -9.30
C THR C 34 7.13 16.67 -9.67
N LYS C 35 7.96 15.67 -9.38
CA LYS C 35 7.73 14.29 -9.79
C LYS C 35 7.79 13.38 -8.55
N GLY C 36 6.72 12.63 -8.31
CA GLY C 36 6.62 11.76 -7.14
C GLY C 36 5.52 10.72 -7.27
N GLN C 37 5.16 10.12 -6.14
CA GLN C 37 4.17 9.05 -6.07
C GLN C 37 2.91 9.49 -5.33
N LEU C 38 1.75 9.21 -5.93
CA LEU C 38 0.46 9.43 -5.27
C LEU C 38 -0.57 8.42 -5.78
N ALA C 39 -1.34 7.85 -4.85
CA ALA C 39 -2.33 6.83 -5.18
C ALA C 39 -1.73 5.74 -6.07
N GLY C 40 -0.51 5.33 -5.76
CA GLY C 40 0.26 4.37 -6.56
C GLY C 40 0.37 4.71 -8.04
N HIS C 41 0.45 6.01 -8.34
CA HIS C 41 0.72 6.47 -9.69
C HIS C 41 2.02 7.25 -9.67
N GLU C 42 2.74 7.24 -10.78
CA GLU C 42 3.85 8.16 -10.96
C GLU C 42 3.23 9.43 -11.49
N VAL C 43 3.28 10.48 -10.69
CA VAL C 43 2.56 11.71 -10.98
C VAL C 43 3.55 12.84 -11.25
N ILE C 44 3.45 13.44 -12.43
CA ILE C 44 4.24 14.60 -12.79
C ILE C 44 3.39 15.85 -12.55
N LEU C 45 3.74 16.59 -11.51
CA LEU C 45 3.02 17.80 -11.13
C LEU C 45 3.71 19.00 -11.76
N LEU C 46 2.94 19.82 -12.47
CA LEU C 46 3.51 20.95 -13.20
C LEU C 46 2.77 22.23 -12.86
N LYS C 47 3.52 23.22 -12.38
CA LYS C 47 3.00 24.58 -12.26
C LYS C 47 3.27 25.32 -13.58
N SER C 48 2.21 25.55 -14.33
CA SER C 48 2.31 26.02 -15.70
C SER C 48 2.44 27.52 -15.81
N GLY C 49 2.04 28.23 -14.76
CA GLY C 49 1.83 29.66 -14.86
C GLY C 49 0.52 29.94 -15.57
N ILE C 50 0.13 31.21 -15.55
CA ILE C 50 -1.17 31.66 -16.02
C ILE C 50 -1.13 32.00 -17.50
N GLY C 51 -2.22 31.68 -18.23
CA GLY C 51 -2.39 32.09 -19.61
C GLY C 51 -2.12 31.00 -20.63
N LYS C 52 -2.54 31.25 -21.86
CA LYS C 52 -2.44 30.27 -22.95
C LYS C 52 -1.02 29.90 -23.31
N VAL C 53 -0.17 30.91 -23.49
CA VAL C 53 1.20 30.67 -23.91
C VAL C 53 1.98 29.91 -22.82
N ASN C 54 1.82 30.33 -21.56
CA ASN C 54 2.44 29.62 -20.44
C ASN C 54 2.02 28.17 -20.39
N ALA C 55 0.71 27.94 -20.45
CA ALA C 55 0.18 26.58 -20.43
C ALA C 55 0.66 25.77 -21.63
N ALA C 56 0.64 26.38 -22.82
CA ALA C 56 1.05 25.67 -24.04
C ALA C 56 2.52 25.28 -23.99
N MET C 57 3.36 26.23 -23.61
CA MET C 57 4.80 25.99 -23.48
C MET C 57 5.07 24.89 -22.45
N SER C 58 4.53 25.09 -21.26
CA SER C 58 4.74 24.17 -20.13
C SER C 58 4.19 22.76 -20.43
N THR C 59 3.01 22.68 -21.05
CA THR C 59 2.45 21.39 -21.47
C THR C 59 3.35 20.71 -22.51
N THR C 60 3.93 21.49 -23.41
CA THR C 60 4.81 20.96 -24.45
C THR C 60 6.09 20.39 -23.84
N ILE C 61 6.65 21.12 -22.88
CA ILE C 61 7.85 20.66 -22.18
C ILE C 61 7.56 19.33 -21.47
N LEU C 62 6.43 19.28 -20.78
CA LEU C 62 5.97 18.06 -20.12
C LEU C 62 5.96 16.88 -21.08
N LEU C 63 5.24 17.05 -22.19
CA LEU C 63 5.07 15.99 -23.17
C LEU C 63 6.36 15.59 -23.87
N GLU C 64 7.27 16.54 -24.05
CA GLU C 64 8.56 16.25 -24.66
C GLU C 64 9.46 15.47 -23.70
N ARG C 65 9.61 16.01 -22.49
CA ARG C 65 10.56 15.46 -21.51
C ARG C 65 10.02 14.27 -20.70
N TYR C 66 8.76 14.32 -20.29
CA TYR C 66 8.24 13.33 -19.34
C TYR C 66 7.35 12.25 -19.96
N LYS C 67 6.73 12.55 -21.10
CA LYS C 67 5.93 11.56 -21.84
C LYS C 67 4.86 10.90 -20.95
N PRO C 68 4.00 11.69 -20.31
CA PRO C 68 2.93 11.10 -19.51
C PRO C 68 1.86 10.50 -20.41
N GLU C 69 1.21 9.45 -19.92
CA GLU C 69 0.17 8.73 -20.68
C GLU C 69 -1.15 9.49 -20.70
N LYS C 70 -1.42 10.20 -19.61
CA LYS C 70 -2.64 11.02 -19.49
C LYS C 70 -2.32 12.33 -18.79
N VAL C 71 -3.19 13.31 -18.97
CA VAL C 71 -2.98 14.66 -18.44
C VAL C 71 -4.27 15.17 -17.81
N ILE C 72 -4.16 15.71 -16.60
CA ILE C 72 -5.29 16.34 -15.94
C ILE C 72 -4.95 17.79 -15.67
N ASN C 73 -5.89 18.68 -15.96
CA ASN C 73 -5.71 20.09 -15.70
C ASN C 73 -6.62 20.50 -14.54
N THR C 74 -6.01 21.15 -13.54
CA THR C 74 -6.71 21.49 -12.30
C THR C 74 -6.65 23.00 -12.02
N GLY C 75 -7.28 23.44 -10.94
CA GLY C 75 -7.24 24.84 -10.54
C GLY C 75 -8.60 25.48 -10.44
N SER C 76 -8.59 26.82 -10.36
CA SER C 76 -9.82 27.61 -10.25
C SER C 76 -10.40 27.90 -11.62
N ALA C 77 -11.65 28.36 -11.64
CA ALA C 77 -12.33 28.77 -12.87
C ALA C 77 -13.52 29.65 -12.54
N GLY C 78 -13.96 30.45 -13.51
CA GLY C 78 -15.09 31.35 -13.32
C GLY C 78 -16.40 30.71 -13.76
N GLY C 79 -17.37 30.68 -12.86
CA GLY C 79 -18.65 30.07 -13.15
C GLY C 79 -19.41 30.81 -14.23
N PHE C 80 -19.96 30.05 -15.18
CA PHE C 80 -20.70 30.63 -16.31
C PHE C 80 -22.16 30.20 -16.36
N HIS C 81 -22.45 28.94 -16.05
CA HIS C 81 -23.81 28.41 -16.05
C HIS C 81 -24.53 28.80 -14.76
N HIS C 82 -25.81 29.18 -14.90
CA HIS C 82 -26.56 29.82 -13.80
C HIS C 82 -26.92 28.90 -12.63
N SER C 83 -26.79 27.59 -12.82
CA SER C 83 -27.04 26.63 -11.74
C SER C 83 -25.86 26.52 -10.77
N LEU C 84 -24.68 26.91 -11.19
CA LEU C 84 -23.46 26.63 -10.43
C LEU C 84 -23.12 27.71 -9.42
N ASN C 85 -22.50 27.29 -8.32
CA ASN C 85 -22.07 28.17 -7.24
C ASN C 85 -20.56 28.08 -7.04
N VAL C 86 -20.02 29.05 -6.31
CA VAL C 86 -18.63 29.01 -5.88
C VAL C 86 -18.44 27.73 -5.05
N GLY C 87 -17.34 27.03 -5.30
CA GLY C 87 -17.05 25.76 -4.63
C GLY C 87 -17.30 24.54 -5.49
N ASP C 88 -18.20 24.67 -6.47
CA ASP C 88 -18.57 23.55 -7.34
C ASP C 88 -17.42 23.12 -8.27
N VAL C 89 -17.35 21.82 -8.51
CA VAL C 89 -16.34 21.23 -9.39
C VAL C 89 -16.94 20.94 -10.77
N VAL C 90 -16.16 21.19 -11.81
CA VAL C 90 -16.60 20.95 -13.19
C VAL C 90 -15.61 20.03 -13.91
N ILE C 91 -16.11 18.91 -14.43
CA ILE C 91 -15.32 18.05 -15.31
C ILE C 91 -15.57 18.51 -16.75
N SER C 92 -14.50 18.65 -17.52
CA SER C 92 -14.61 19.00 -18.93
C SER C 92 -15.21 17.84 -19.71
N THR C 93 -16.31 18.10 -20.39
CA THR C 93 -16.75 17.25 -21.48
C THR C 93 -15.93 17.62 -22.70
N GLU C 94 -15.87 18.92 -22.97
CA GLU C 94 -15.19 19.47 -24.13
C GLU C 94 -14.54 20.78 -23.73
N VAL C 95 -13.51 21.19 -24.47
CA VAL C 95 -12.84 22.47 -24.23
C VAL C 95 -12.76 23.31 -25.51
N ARG C 96 -12.98 24.61 -25.36
CA ARG C 96 -12.93 25.55 -26.47
C ARG C 96 -12.19 26.84 -26.05
N HIS C 97 -11.74 27.60 -27.05
CA HIS C 97 -11.28 28.96 -26.84
C HIS C 97 -12.49 29.88 -26.93
N HIS C 98 -12.69 30.78 -25.96
CA HIS C 98 -13.79 31.74 -26.09
C HIS C 98 -13.35 33.06 -26.72
N ASP C 99 -12.05 33.30 -26.81
CA ASP C 99 -11.52 34.55 -27.34
C ASP C 99 -10.84 34.39 -28.70
N VAL C 100 -11.04 33.24 -29.35
CA VAL C 100 -10.54 33.05 -30.70
C VAL C 100 -11.61 33.45 -31.71
N ASP C 101 -11.23 34.32 -32.63
CA ASP C 101 -12.15 34.78 -33.67
C ASP C 101 -11.44 34.91 -35.01
N VAL C 102 -11.58 33.87 -35.83
CA VAL C 102 -11.16 33.91 -37.22
C VAL C 102 -12.39 33.62 -38.07
N THR C 103 -13.51 34.26 -37.71
CA THR C 103 -14.78 34.06 -38.41
C THR C 103 -14.82 34.78 -39.74
N ALA C 104 -13.88 35.70 -39.95
CA ALA C 104 -13.72 36.36 -41.23
C ALA C 104 -13.37 35.36 -42.34
N PHE C 105 -12.84 34.20 -41.95
CA PHE C 105 -12.57 33.12 -42.91
C PHE C 105 -13.41 31.88 -42.60
N ASN C 106 -14.64 32.10 -42.13
CA ASN C 106 -15.68 31.08 -41.85
C ASN C 106 -15.23 29.87 -41.02
N TYR C 107 -14.29 30.09 -40.10
CA TYR C 107 -14.12 29.16 -38.99
C TYR C 107 -15.17 29.60 -38.00
N GLU C 108 -15.82 28.64 -37.34
CA GLU C 108 -16.85 29.02 -36.37
C GLU C 108 -16.17 29.65 -35.16
N TYR C 109 -16.92 30.44 -34.40
CA TYR C 109 -16.35 31.24 -33.32
C TYR C 109 -15.61 30.34 -32.33
N GLY C 110 -14.44 30.78 -31.91
CA GLY C 110 -13.61 30.02 -30.98
C GLY C 110 -12.69 29.00 -31.64
N GLN C 111 -12.92 28.69 -32.90
CA GLN C 111 -12.13 27.69 -33.60
C GLN C 111 -10.81 28.24 -34.13
N VAL C 112 -9.72 27.66 -33.65
CA VAL C 112 -8.38 27.94 -34.15
C VAL C 112 -8.25 27.26 -35.51
N PRO C 113 -7.74 27.96 -36.53
CA PRO C 113 -7.60 27.35 -37.86
C PRO C 113 -6.75 26.07 -37.88
N GLY C 114 -7.25 25.05 -38.55
CA GLY C 114 -6.57 23.75 -38.59
C GLY C 114 -6.89 22.87 -37.40
N MET C 115 -7.67 23.41 -36.45
CA MET C 115 -8.10 22.67 -35.28
C MET C 115 -9.59 22.40 -35.38
N PRO C 116 -10.06 21.33 -34.73
CA PRO C 116 -11.50 21.14 -34.64
C PRO C 116 -12.09 22.27 -33.79
N PRO C 117 -13.39 22.57 -33.97
CA PRO C 117 -14.03 23.66 -33.22
C PRO C 117 -13.87 23.56 -31.70
N GLY C 118 -13.72 22.34 -31.19
CA GLY C 118 -13.47 22.10 -29.77
C GLY C 118 -12.71 20.82 -29.55
N PHE C 119 -12.20 20.65 -28.33
CA PHE C 119 -11.36 19.49 -27.98
C PHE C 119 -12.08 18.60 -26.97
N LYS C 120 -12.48 17.41 -27.41
CA LYS C 120 -13.19 16.46 -26.55
C LYS C 120 -12.24 15.84 -25.53
N ALA C 121 -12.67 15.81 -24.26
CA ALA C 121 -11.89 15.20 -23.20
C ALA C 121 -11.97 13.67 -23.34
N ASP C 122 -11.07 12.97 -22.67
CA ASP C 122 -10.99 11.51 -22.76
C ASP C 122 -12.23 10.82 -22.17
N GLU C 123 -12.85 9.95 -22.97
CA GLU C 123 -14.07 9.26 -22.55
C GLU C 123 -13.88 8.43 -21.29
N ALA C 124 -12.76 7.72 -21.22
CA ALA C 124 -12.45 6.87 -20.06
C ALA C 124 -12.30 7.70 -18.79
N LEU C 125 -11.54 8.80 -18.88
CA LEU C 125 -11.35 9.69 -17.73
C LEU C 125 -12.65 10.34 -17.30
N VAL C 126 -13.45 10.80 -18.26
CA VAL C 126 -14.74 11.41 -17.95
C VAL C 126 -15.63 10.37 -17.27
N ALA C 127 -15.71 9.17 -17.84
CA ALA C 127 -16.53 8.08 -17.28
C ALA C 127 -16.11 7.77 -15.85
N LEU C 128 -14.80 7.73 -15.63
CA LEU C 128 -14.27 7.48 -14.30
C LEU C 128 -14.65 8.61 -13.36
N ALA C 129 -14.40 9.85 -13.77
CA ALA C 129 -14.76 11.00 -12.95
C ALA C 129 -16.24 10.98 -12.58
N GLU C 130 -17.09 10.67 -13.55
CA GLU C 130 -18.53 10.57 -13.36
C GLU C 130 -18.87 9.72 -12.15
N LYS C 131 -18.26 8.55 -12.07
CA LYS C 131 -18.54 7.63 -10.97
C LYS C 131 -18.23 8.25 -9.61
N CYS C 132 -17.20 9.06 -9.53
CA CYS C 132 -16.83 9.69 -8.26
C CYS C 132 -17.58 10.99 -7.94
N MET C 133 -18.51 11.39 -8.81
CA MET C 133 -19.34 12.57 -8.56
C MET C 133 -20.13 12.46 -7.24
N GLN C 134 -20.31 11.24 -6.73
CA GLN C 134 -20.96 11.03 -5.44
C GLN C 134 -19.96 10.45 -4.45
N GLN C 140 -20.82 19.74 -4.72
CA GLN C 140 -21.50 19.46 -5.98
C GLN C 140 -20.52 19.39 -7.16
N VAL C 141 -20.54 18.26 -7.87
CA VAL C 141 -19.70 18.05 -9.04
C VAL C 141 -20.57 17.93 -10.30
N VAL C 142 -20.16 18.58 -11.38
CA VAL C 142 -20.89 18.55 -12.65
C VAL C 142 -19.95 18.32 -13.83
N LYS C 143 -20.55 18.05 -14.99
CA LYS C 143 -19.83 17.69 -16.19
C LYS C 143 -20.32 18.60 -17.31
N GLY C 144 -19.41 19.32 -17.96
CA GLY C 144 -19.81 20.29 -18.98
C GLY C 144 -18.65 20.99 -19.67
N MET C 145 -18.99 21.89 -20.58
CA MET C 145 -17.99 22.54 -21.42
C MET C 145 -17.26 23.67 -20.70
N ILE C 146 -15.95 23.73 -20.89
CA ILE C 146 -15.10 24.77 -20.34
C ILE C 146 -14.43 25.50 -21.50
N ALA C 147 -14.43 26.83 -21.45
CA ALA C 147 -13.83 27.64 -22.51
C ALA C 147 -12.77 28.56 -21.94
N THR C 148 -11.70 28.76 -22.71
CA THR C 148 -10.55 29.51 -22.18
C THR C 148 -10.23 30.73 -23.02
N GLY C 149 -9.81 31.79 -22.35
CA GLY C 149 -9.31 32.98 -23.03
C GLY C 149 -8.15 33.57 -22.24
N ASP C 150 -7.39 34.48 -22.85
CA ASP C 150 -6.24 35.10 -22.19
C ASP C 150 -6.65 36.32 -21.36
N SER C 151 -7.82 36.24 -20.72
CA SER C 151 -8.32 37.33 -19.92
C SER C 151 -9.07 36.79 -18.71
N PHE C 152 -9.03 37.54 -17.62
CA PHE C 152 -9.86 37.28 -16.46
C PHE C 152 -11.22 37.93 -16.69
N MET C 153 -12.27 37.12 -16.78
CA MET C 153 -13.63 37.60 -17.08
C MET C 153 -14.31 38.23 -15.87
N SER C 154 -13.91 39.45 -15.53
CA SER C 154 -14.57 40.23 -14.47
C SER C 154 -15.58 41.23 -15.05
N ASP C 155 -15.38 41.62 -16.31
CA ASP C 155 -16.28 42.57 -16.98
C ASP C 155 -17.56 41.87 -17.40
N PRO C 156 -18.73 42.35 -16.89
CA PRO C 156 -20.01 41.79 -17.31
C PRO C 156 -20.26 41.81 -18.81
N ASN C 157 -19.78 42.85 -19.50
CA ASN C 157 -19.98 42.98 -20.94
C ASN C 157 -19.24 41.89 -21.71
N ARG C 158 -18.00 41.64 -21.30
CA ARG C 158 -17.18 40.56 -21.85
C ARG C 158 -17.89 39.21 -21.66
N VAL C 159 -18.50 39.03 -20.49
CA VAL C 159 -19.23 37.81 -20.19
C VAL C 159 -20.46 37.67 -21.07
N ALA C 160 -21.25 38.73 -21.18
CA ALA C 160 -22.45 38.73 -22.03
C ALA C 160 -22.11 38.41 -23.49
N ALA C 161 -21.01 38.97 -23.98
CA ALA C 161 -20.55 38.74 -25.36
C ALA C 161 -20.27 37.25 -25.64
N ILE C 162 -19.81 36.54 -24.61
CA ILE C 162 -19.49 35.12 -24.69
C ILE C 162 -20.73 34.23 -24.61
N ARG C 163 -21.73 34.64 -23.82
CA ARG C 163 -22.96 33.84 -23.61
C ARG C 163 -23.62 33.40 -24.90
N ASP C 164 -23.64 34.31 -25.86
CA ASP C 164 -24.36 34.11 -27.09
C ASP C 164 -23.56 33.32 -28.13
N LYS C 165 -22.30 33.00 -27.82
CA LYS C 165 -21.43 32.31 -28.77
C LYS C 165 -21.40 30.78 -28.61
N PHE C 166 -21.66 30.28 -27.40
CA PHE C 166 -21.63 28.83 -27.13
C PHE C 166 -22.95 28.29 -26.58
N GLU C 167 -23.10 26.98 -26.65
CA GLU C 167 -24.41 26.33 -26.43
C GLU C 167 -24.86 26.33 -24.97
N ASN C 168 -24.05 25.78 -24.08
CA ASN C 168 -24.25 26.00 -22.65
C ASN C 168 -22.93 25.81 -21.92
N LEU C 169 -22.14 26.88 -21.98
CA LEU C 169 -20.86 26.97 -21.30
C LEU C 169 -21.04 26.87 -19.79
N TYR C 170 -20.16 26.12 -19.13
CA TYR C 170 -20.24 25.91 -17.69
C TYR C 170 -19.27 26.79 -16.93
N ALA C 171 -18.01 26.78 -17.33
CA ALA C 171 -16.97 27.57 -16.65
C ALA C 171 -15.98 28.18 -17.64
N VAL C 172 -15.27 29.18 -17.17
CA VAL C 172 -14.28 29.87 -17.97
C VAL C 172 -12.98 30.04 -17.22
N GLU C 173 -11.86 29.90 -17.93
CA GLU C 173 -10.56 30.17 -17.33
C GLU C 173 -9.50 30.54 -18.38
N MET C 174 -8.23 30.20 -18.16
CA MET C 174 -7.15 30.73 -18.99
C MET C 174 -6.08 29.71 -19.41
N GLU C 175 -6.32 28.40 -19.26
CA GLU C 175 -5.31 27.40 -19.67
C GLU C 175 -5.84 26.16 -20.41
N ALA C 176 -7.04 25.69 -20.02
CA ALA C 176 -7.57 24.42 -20.47
C ALA C 176 -7.42 24.15 -21.97
N ALA C 177 -7.72 25.14 -22.80
CA ALA C 177 -7.76 24.94 -24.24
C ALA C 177 -6.35 24.84 -24.79
N ALA C 178 -5.42 25.58 -24.21
CA ALA C 178 -4.01 25.45 -24.56
C ALA C 178 -3.52 24.05 -24.23
N VAL C 179 -3.88 23.56 -23.05
CA VAL C 179 -3.50 22.21 -22.64
C VAL C 179 -4.08 21.20 -23.63
N ALA C 180 -5.39 21.32 -23.89
CA ALA C 180 -6.09 20.39 -24.75
C ALA C 180 -5.55 20.42 -26.18
N GLN C 181 -5.35 21.63 -26.71
CA GLN C 181 -4.85 21.79 -28.07
C GLN C 181 -3.47 21.17 -28.24
N VAL C 182 -2.60 21.31 -27.25
CA VAL C 182 -1.29 20.65 -27.30
C VAL C 182 -1.47 19.13 -27.28
N CYS C 183 -2.21 18.66 -26.26
CA CYS C 183 -2.52 17.23 -26.12
C CYS C 183 -3.19 16.67 -27.36
N HIS C 184 -4.08 17.46 -27.96
CA HIS C 184 -4.70 17.09 -29.23
C HIS C 184 -3.64 16.73 -30.27
N GLN C 185 -2.65 17.59 -30.43
CA GLN C 185 -1.64 17.38 -31.46
C GLN C 185 -0.61 16.32 -31.09
N TYR C 186 -0.35 16.14 -29.81
CA TYR C 186 0.46 15.02 -29.33
C TYR C 186 -0.35 13.72 -29.20
N GLU C 187 -1.67 13.81 -29.35
CA GLU C 187 -2.59 12.67 -29.18
C GLU C 187 -2.49 12.04 -27.78
N VAL C 188 -2.52 12.89 -26.77
CA VAL C 188 -2.50 12.44 -25.37
C VAL C 188 -3.89 12.72 -24.81
N PRO C 189 -4.52 11.71 -24.19
CA PRO C 189 -5.79 11.93 -23.49
C PRO C 189 -5.67 12.99 -22.39
N PHE C 190 -6.71 13.81 -22.26
CA PHE C 190 -6.74 14.85 -21.25
C PHE C 190 -8.11 14.95 -20.60
N VAL C 191 -8.14 15.61 -19.46
CA VAL C 191 -9.40 16.05 -18.86
C VAL C 191 -9.12 17.23 -17.96
N ILE C 192 -10.05 18.19 -17.95
CA ILE C 192 -9.97 19.32 -17.05
C ILE C 192 -10.86 19.05 -15.84
N ILE C 193 -10.29 19.22 -14.65
CA ILE C 193 -11.08 19.17 -13.42
C ILE C 193 -10.75 20.39 -12.57
N ARG C 194 -11.66 21.35 -12.59
CA ARG C 194 -11.47 22.60 -11.87
C ARG C 194 -12.65 22.90 -10.97
N ALA C 195 -12.42 23.72 -9.97
CA ALA C 195 -13.48 24.17 -9.06
C ALA C 195 -13.71 25.64 -9.27
N LEU C 196 -14.87 26.13 -8.83
CA LEU C 196 -15.23 27.53 -9.04
C LEU C 196 -14.76 28.41 -7.88
N SER C 197 -13.93 29.40 -8.21
CA SER C 197 -13.48 30.41 -7.26
C SER C 197 -14.47 31.57 -7.19
N ASP C 198 -15.23 31.77 -8.27
CA ASP C 198 -16.15 32.89 -8.37
C ASP C 198 -17.11 32.68 -9.54
N ILE C 199 -18.03 33.62 -9.71
CA ILE C 199 -18.95 33.63 -10.83
C ILE C 199 -18.49 34.71 -11.80
N ALA C 200 -18.19 34.32 -13.03
CA ALA C 200 -17.65 35.24 -14.04
C ALA C 200 -18.57 36.43 -14.24
N GLY C 201 -18.01 37.62 -14.09
CA GLY C 201 -18.74 38.87 -14.31
C GLY C 201 -19.45 39.43 -13.09
N LYS C 202 -19.46 38.69 -11.98
CA LYS C 202 -20.14 39.10 -10.74
C LYS C 202 -19.16 39.22 -9.57
N GLU C 203 -18.66 40.42 -9.33
CA GLU C 203 -17.64 40.68 -8.28
C GLU C 203 -16.56 39.60 -8.25
N SER C 204 -16.18 39.19 -9.45
CA SER C 204 -15.33 38.04 -9.69
C SER C 204 -14.02 38.08 -8.90
N ASN C 205 -13.28 39.18 -8.99
CA ASN C 205 -11.94 39.23 -8.40
C ASN C 205 -11.95 39.28 -6.87
N VAL C 206 -12.97 39.89 -6.28
CA VAL C 206 -13.14 39.90 -4.83
C VAL C 206 -13.54 38.51 -4.36
N SER C 207 -14.42 37.84 -5.11
CA SER C 207 -14.78 36.46 -4.80
C SER C 207 -13.59 35.52 -5.00
N PHE C 208 -12.83 35.73 -6.06
CA PHE C 208 -11.65 34.91 -6.39
C PHE C 208 -10.60 34.88 -5.28
N ASP C 209 -10.20 36.08 -4.82
CA ASP C 209 -9.23 36.22 -3.72
C ASP C 209 -9.77 35.57 -2.42
N GLN C 210 -11.09 35.54 -2.29
CA GLN C 210 -11.73 34.95 -1.12
C GLN C 210 -11.81 33.41 -1.15
N PHE C 211 -12.06 32.84 -2.33
CA PHE C 211 -12.34 31.39 -2.43
C PHE C 211 -11.40 30.64 -3.39
N LEU C 212 -10.19 31.16 -3.60
CA LEU C 212 -9.19 30.48 -4.44
C LEU C 212 -8.66 29.23 -3.75
N ASP C 213 -8.36 29.36 -2.46
CA ASP C 213 -7.86 28.23 -1.67
C ASP C 213 -8.90 27.11 -1.59
N GLN C 214 -10.16 27.49 -1.43
CA GLN C 214 -11.25 26.51 -1.44
C GLN C 214 -11.34 25.81 -2.79
N ALA C 215 -11.19 26.56 -3.86
CA ALA C 215 -11.26 25.99 -5.21
C ALA C 215 -10.12 25.02 -5.48
N ALA C 216 -8.92 25.40 -5.06
CA ALA C 216 -7.77 24.50 -5.10
C ALA C 216 -8.06 23.21 -4.33
N LEU C 217 -8.59 23.36 -3.11
CA LEU C 217 -8.85 22.22 -2.24
C LEU C 217 -9.87 21.25 -2.83
N HIS C 218 -11.01 21.77 -3.26
CA HIS C 218 -12.08 20.92 -3.82
C HIS C 218 -11.59 20.23 -5.09
N SER C 219 -10.96 20.99 -5.97
CA SER C 219 -10.42 20.43 -7.20
C SER C 219 -9.36 19.35 -6.92
N THR C 220 -8.44 19.63 -6.00
CA THR C 220 -7.41 18.65 -5.64
C THR C 220 -7.99 17.36 -5.06
N ASN C 221 -8.95 17.49 -4.14
CA ASN C 221 -9.54 16.32 -3.50
C ASN C 221 -10.28 15.40 -4.45
N PHE C 222 -11.02 15.98 -5.41
CA PHE C 222 -11.71 15.19 -6.42
C PHE C 222 -10.71 14.43 -7.30
N ILE C 223 -9.63 15.12 -7.66
CA ILE C 223 -8.57 14.54 -8.47
C ILE C 223 -7.92 13.37 -7.73
N VAL C 224 -7.71 13.53 -6.43
CA VAL C 224 -7.11 12.48 -5.63
C VAL C 224 -7.98 11.22 -5.65
N LYS C 225 -9.29 11.39 -5.54
CA LYS C 225 -10.18 10.24 -5.55
C LYS C 225 -10.39 9.65 -6.94
N VAL C 226 -10.24 10.45 -8.00
CA VAL C 226 -10.17 9.87 -9.36
C VAL C 226 -8.89 9.07 -9.54
N LEU C 227 -7.76 9.61 -9.07
CA LEU C 227 -6.49 8.89 -9.12
C LEU C 227 -6.60 7.60 -8.33
N GLU C 228 -7.07 7.71 -7.08
CA GLU C 228 -7.29 6.55 -6.22
C GLU C 228 -8.17 5.49 -6.88
N GLU C 229 -9.20 5.93 -7.61
CA GLU C 229 -10.09 5.03 -8.34
C GLU C 229 -9.47 4.50 -9.64
N LEU C 230 -8.44 5.16 -10.14
CA LEU C 230 -7.81 4.69 -11.37
C LEU C 230 -6.88 3.55 -10.98
N LYS C 231 -6.45 3.52 -9.71
CA LYS C 231 -5.70 2.37 -9.19
C LYS C 231 -6.53 1.17 -8.82
N LEU C 232 -7.75 1.09 -9.34
CA LEU C 232 -8.49 -0.17 -9.36
C LEU C 232 -8.58 -0.65 -10.82
N GLU C 233 -7.44 -0.42 -11.47
CA GLU C 233 -6.80 -1.35 -12.40
C GLU C 233 -6.62 -2.74 -11.77
N HIS C 234 -6.63 -2.84 -10.44
CA HIS C 234 -6.55 -4.13 -9.72
C HIS C 234 -7.89 -4.52 -9.08
N HIS C 235 -8.36 -3.65 -8.18
CA HIS C 235 -9.48 -3.88 -7.23
C HIS C 235 -9.21 -4.88 -6.10
N HIS C 236 -7.98 -5.36 -6.01
CA HIS C 236 -7.65 -6.36 -5.00
C HIS C 236 -7.49 -5.69 -3.63
N HIS C 237 -6.35 -5.05 -3.36
CA HIS C 237 -6.02 -4.50 -2.02
C HIS C 237 -6.78 -5.14 -0.84
N9 ADE D . -5.17 -18.55 -4.79
C8 ADE D . -6.36 -18.81 -5.37
N7 ADE D . -7.35 -18.23 -4.66
C5 ADE D . -6.82 -17.62 -3.61
C6 ADE D . -7.35 -16.83 -2.50
N6 ADE D . -8.68 -16.62 -2.42
N1 ADE D . -6.46 -16.36 -1.61
C2 ADE D . -5.13 -16.58 -1.74
N3 ADE D . -4.58 -17.29 -2.73
C4 ADE D . -5.37 -17.82 -3.69
C TRS E . -7.37 -13.03 0.31
C1 TRS E . -7.92 -12.20 1.46
C2 TRS E . -5.96 -13.48 0.64
C3 TRS E . -7.40 -12.20 -0.98
N TRS E . -8.23 -14.23 0.14
O1 TRS E . -8.35 -13.06 2.52
O2 TRS E . -5.97 -14.21 1.86
O3 TRS E . -6.87 -12.95 -2.07
N9 ADE F . 20.45 -16.62 2.11
C8 ADE F . 21.80 -16.71 2.18
N7 ADE F . 22.25 -16.06 3.28
C5 ADE F . 21.20 -15.53 3.92
C6 ADE F . 21.01 -14.73 5.13
N6 ADE F . 22.08 -14.37 5.87
N1 ADE F . 19.75 -14.38 5.45
C2 ADE F . 18.71 -14.75 4.70
N3 ADE F . 18.79 -15.48 3.57
C4 ADE F . 20.00 -15.90 3.13
C TRS G . 18.49 -13.95 8.80
C1 TRS G . 17.34 -13.30 8.04
C2 TRS G . 18.39 -15.47 8.65
C3 TRS G . 18.41 -13.51 10.25
N TRS G . 19.76 -13.48 8.22
O1 TRS G . 17.39 -11.90 8.23
O2 TRS G . 19.65 -16.07 8.92
O3 TRS G . 18.93 -12.18 10.41
C TRS H . -6.33 30.44 -13.48
C1 TRS H . -7.28 30.39 -14.66
C2 TRS H . -6.59 29.25 -12.58
C3 TRS H . -6.45 31.76 -12.70
N TRS H . -4.93 30.34 -13.94
O1 TRS H . -7.16 29.14 -15.34
O2 TRS H . -5.79 28.15 -13.02
O3 TRS H . -7.80 31.97 -12.31
N9 ADE I . -12.93 34.41 -15.11
C8 ADE I . -13.72 34.51 -14.02
N7 ADE I . -13.22 33.77 -13.00
C5 ADE I . -12.10 33.18 -13.43
C6 ADE I . -11.08 32.27 -12.86
N6 ADE I . -11.17 31.83 -11.58
N1 ADE I . -10.06 31.91 -13.66
C2 ADE I . -9.95 32.35 -14.94
N3 ADE I . -10.84 33.17 -15.52
C4 ADE I . -11.91 33.61 -14.82
#